data_7JV5
#
_entry.id   7JV5
#
_cell.length_a   1.00
_cell.length_b   1.00
_cell.length_c   1.00
_cell.angle_alpha   90.00
_cell.angle_beta   90.00
_cell.angle_gamma   90.00
#
_symmetry.space_group_name_H-M   'P 1'
#
loop_
_entity.id
_entity.type
_entity.pdbx_description
1 polymer 'D(1A) dopamine receptor'
2 polymer 'Guanine nucleotide-binding protein G(s) subunit alpha isoforms short'
3 polymer 'Guanine nucleotide-binding protein G(I)/G(S)/G(T) subunit beta-1'
4 polymer 'Guanine nucleotide-binding protein G(I)/G(S)/G(O) subunit gamma-2'
5 polymer 'Nanobody 35'
6 non-polymer (1R)-6-chloro-1-phenyl-2,3,4,5-tetrahydro-1H-3-benzazepine-7,8-diol
7 non-polymer CHOLESTEROL
8 non-polymer 'PALMITIC ACID'
#
loop_
_entity_poly.entity_id
_entity_poly.type
_entity_poly.pdbx_seq_one_letter_code
_entity_poly.pdbx_strand_id
1 'polypeptide(L)'
;DYKDDDDVDMGQPGNGSAFLLAPNGSHAPDHDVTQQRDEENLYFQGASMRTLNTSAMDGTGLVVERDFSVRILTACFLSL
LILSTLLGNTLVCAAVIRFRHLRSKVTNFFVISLAVSDLLVAVLVMPWKAVAEIAGFWPFGSFCNIWVAFDIMCSTASIL
NLCVISVDRYWAISSPFRYERKMTPKAAFILISVAWTLSVLISFIPVQLSWHKAKPTSPSDGNATSLAETIDNCDSSLSR
TYAISSSVISFYIPVAIMIVTYTRIYRIAQKQIRRIAALERAAVHAKNCQTTTGNGKPVECSQPESSFKMSFKRETKVLK
TLSVIMGVFVCCWLPFFILNCILPFCGSGETQPFCIDSNTFDVFVWFGWANSSLNPIIYAFNADFRKAFSTLLGCYRLCP
ATNNAIETVSINNNGAAMFSSHHEPRGSISKECNLVYLIPHAVGSSEDLKKEEAAGIARPLEKLSPALSVILDYDTDVSL
EKIQPITQNGQHPTHHHHHHHH
;
R
2 'polypeptide(L)'
;GCLGNSKTEDQRNEEKAQREANKKIEKQLQKDKQVYRATHRLLLLGAGESGKSTIVKQMRILHVNGFNGEGGEEDPQAAR
SNSDGEKATKVQDIKNNLKEAIETIVAAMSNLVPPVELANPENQFRVDYILSVMNVPDFDFPPEFYEHAKALWEDEGVRA
CYERSNEYQLIDCAQYFLDKIDVIKQADYVPSDQDLLRCRVLTSGIFETKFQVDKVNFHMFDVGAQRDERRKWIQCFNDV
TAIIFVVASSSYNMVIREDNQTNRLQEALNLFKSIWNNRWLRTISVILFLNKQDLLAEKVLAGKSKIEDYFPEFARYTTP
EDATPEPGEDPRVTRAKYFIRDEFLRISTASGDGRHYCYPHFTCSVDTENIRRVFNDCRDIIQRMHLRQYELL
;
A
3 'polypeptide(L)'
;HHHHHHHHMGSLLQSELDQLRQEAEQLKNQIRDARKACADATLSQITNNIDPVGRIQMRTRRTLRGHLAKIYAMHWGTDS
RLLVSASQDGKLIIWDSYTTNKVHAIPLRSSWVMTCAYAPSGNYVACGGLDNICSIYNLKTREGNVRVSRELAGHTGYLS
CCRFLDDNQIVTSSGDTTCALWDIETGQQTTTFTGHTGDVMSLSLAPDTRLFVSGACDASAKLWDVREGMCRQTFTGHES
DINAICFFPNGNAFATGSDDATCRLFDLRADQELMTYSHDNIICGITSVSFSKSGRLLLAGYDDFNCNVWDALKADRAGV
LAGHDNRVSCLGVTDDGMAVATGSWDSFLKIWNG
;
B
4 'polypeptide(L)' ASNNTASIAQARKLVEQLKMEANIDRIKVSKAAADLMAYCEAHAKEDPLLTPVPASENPFREKKFFC G
5 'polypeptide(L)'
;MQVQLQESGGGLVQPGGSLRLSCAASGFTFSNYKMNWVRQAPGKGLEWVSDISQSGASISYTGSVKGRFTISRDNAKNTL
YLQMNSLKPEDTAVYYCARCPAPFTRDCFDVTSTTYAYRGQGTQVTVSSHHHHHH
;
N
#
# COMPACT_ATOMS: atom_id res chain seq x y z
N SER A 69 8.13 -58.60 -6.62
CA SER A 69 8.99 -57.79 -7.49
C SER A 69 8.19 -56.78 -8.29
N VAL A 70 7.76 -57.22 -9.49
CA VAL A 70 6.94 -56.40 -10.39
C VAL A 70 5.64 -55.96 -9.73
N ARG A 71 4.99 -56.88 -9.02
CA ARG A 71 3.83 -56.53 -8.19
C ARG A 71 4.18 -55.57 -7.06
N ILE A 72 5.38 -55.68 -6.48
CA ILE A 72 5.81 -54.70 -5.48
C ILE A 72 6.17 -53.36 -6.12
N LEU A 73 6.82 -53.39 -7.29
CA LEU A 73 7.02 -52.18 -8.10
C LEU A 73 5.72 -51.42 -8.39
N THR A 74 4.72 -52.14 -8.91
CA THR A 74 3.40 -51.58 -9.15
C THR A 74 2.72 -51.07 -7.87
N ALA A 75 2.91 -51.79 -6.75
CA ALA A 75 2.39 -51.28 -5.48
C ALA A 75 3.11 -50.02 -5.01
N CYS A 76 4.40 -49.87 -5.36
CA CYS A 76 5.12 -48.67 -4.98
C CYS A 76 4.67 -47.47 -5.79
N PHE A 77 4.57 -47.63 -7.13
CA PHE A 77 3.96 -46.61 -7.99
C PHE A 77 2.58 -46.18 -7.51
N LEU A 78 1.69 -47.15 -7.25
CA LEU A 78 0.31 -46.82 -6.92
C LEU A 78 0.21 -46.17 -5.54
N SER A 79 1.00 -46.65 -4.57
CA SER A 79 1.03 -46.07 -3.24
C SER A 79 1.54 -44.64 -3.30
N LEU A 80 2.59 -44.41 -4.09
CA LEU A 80 3.19 -43.08 -4.19
C LEU A 80 2.22 -42.08 -4.80
N LEU A 81 1.63 -42.45 -5.95
CA LEU A 81 0.56 -41.67 -6.58
C LEU A 81 -0.58 -41.31 -5.62
N ILE A 82 -1.11 -42.30 -4.90
CA ILE A 82 -2.20 -42.05 -3.92
C ILE A 82 -1.75 -41.09 -2.81
N LEU A 83 -0.54 -41.31 -2.25
CA LEU A 83 0.03 -40.40 -1.26
C LEU A 83 0.15 -38.97 -1.79
N SER A 84 0.64 -38.82 -3.03
CA SER A 84 0.82 -37.51 -3.64
C SER A 84 -0.51 -36.78 -3.78
N THR A 85 -1.52 -37.49 -4.32
CA THR A 85 -2.84 -36.90 -4.54
C THR A 85 -3.47 -36.48 -3.22
N LEU A 86 -3.37 -37.33 -2.20
CA LEU A 86 -3.96 -37.02 -0.90
C LEU A 86 -3.24 -35.87 -0.23
N LEU A 87 -1.90 -35.81 -0.39
CA LEU A 87 -1.12 -34.72 0.19
C LEU A 87 -1.50 -33.39 -0.44
N GLY A 88 -1.61 -33.36 -1.76
CA GLY A 88 -1.92 -32.12 -2.46
C GLY A 88 -3.31 -31.59 -2.16
N ASN A 89 -4.31 -32.49 -2.17
CA ASN A 89 -5.67 -32.06 -1.87
C ASN A 89 -5.85 -31.69 -0.39
N THR A 90 -5.17 -32.42 0.50
CA THR A 90 -5.07 -32.04 1.91
C THR A 90 -4.53 -30.61 2.05
N LEU A 91 -3.40 -30.33 1.39
CA LEU A 91 -2.72 -29.05 1.58
C LEU A 91 -3.58 -27.90 1.05
N VAL A 92 -4.30 -28.11 -0.05
CA VAL A 92 -5.14 -27.03 -0.57
C VAL A 92 -6.41 -26.81 0.26
N CYS A 93 -6.95 -27.88 0.86
CA CYS A 93 -8.10 -27.67 1.76
C CYS A 93 -7.69 -27.10 3.12
N ALA A 94 -6.57 -27.55 3.67
CA ALA A 94 -5.95 -26.93 4.83
C ALA A 94 -5.67 -25.44 4.62
N ALA A 95 -4.96 -25.10 3.54
CA ALA A 95 -4.67 -23.71 3.21
C ALA A 95 -5.91 -22.84 3.10
N VAL A 96 -6.97 -23.32 2.45
CA VAL A 96 -8.14 -22.46 2.35
C VAL A 96 -8.91 -22.37 3.67
N ILE A 97 -8.93 -23.45 4.47
CA ILE A 97 -9.59 -23.42 5.78
C ILE A 97 -8.88 -22.50 6.77
N ARG A 98 -7.54 -22.49 6.77
CA ARG A 98 -6.79 -21.60 7.66
C ARG A 98 -6.51 -20.20 7.07
N PHE A 99 -6.99 -19.86 5.88
CA PHE A 99 -6.74 -18.52 5.36
C PHE A 99 -8.01 -17.88 4.82
N ARG A 100 -8.29 -16.67 5.28
CA ARG A 100 -9.50 -15.94 4.94
C ARG A 100 -9.39 -15.25 3.58
N HIS A 101 -8.22 -14.68 3.27
CA HIS A 101 -8.06 -13.98 2.00
C HIS A 101 -8.04 -14.94 0.82
N LEU A 102 -7.58 -16.19 1.04
CA LEU A 102 -7.74 -17.32 0.10
C LEU A 102 -9.18 -17.88 0.03
N ARG A 103 -10.11 -17.14 0.63
CA ARG A 103 -11.54 -17.36 0.52
C ARG A 103 -12.22 -16.05 0.13
N SER A 104 -11.52 -14.91 0.23
CA SER A 104 -12.17 -13.62 0.02
C SER A 104 -12.48 -13.37 -1.45
N LYS A 105 -11.71 -13.99 -2.35
CA LYS A 105 -11.94 -13.85 -3.77
C LYS A 105 -13.03 -14.81 -4.23
N VAL A 106 -13.82 -14.37 -5.21
CA VAL A 106 -14.86 -15.21 -5.80
C VAL A 106 -14.25 -16.33 -6.62
N THR A 107 -13.01 -16.16 -7.09
CA THR A 107 -12.32 -17.14 -7.91
C THR A 107 -12.06 -18.44 -7.15
N ASN A 108 -11.46 -18.34 -5.95
CA ASN A 108 -10.94 -19.49 -5.21
C ASN A 108 -12.00 -20.51 -4.77
N PHE A 109 -13.29 -20.18 -4.88
CA PHE A 109 -14.35 -21.13 -4.57
C PHE A 109 -14.28 -22.34 -5.49
N PHE A 110 -13.94 -22.09 -6.75
CA PHE A 110 -13.95 -23.14 -7.75
C PHE A 110 -12.77 -24.10 -7.59
N VAL A 111 -11.57 -23.59 -7.27
CA VAL A 111 -10.49 -24.48 -6.83
C VAL A 111 -10.73 -25.13 -5.46
N ILE A 112 -11.65 -24.60 -4.64
CA ILE A 112 -12.08 -25.39 -3.47
C ILE A 112 -12.91 -26.58 -3.93
N SER A 113 -13.84 -26.36 -4.87
CA SER A 113 -14.65 -27.45 -5.41
C SER A 113 -13.79 -28.48 -6.14
N LEU A 114 -12.73 -28.02 -6.83
CA LEU A 114 -11.82 -28.94 -7.48
C LEU A 114 -10.89 -29.66 -6.53
N ALA A 115 -10.63 -29.11 -5.34
CA ALA A 115 -9.86 -29.90 -4.38
C ALA A 115 -10.77 -30.87 -3.64
N VAL A 116 -12.04 -30.53 -3.48
CA VAL A 116 -13.00 -31.44 -2.87
C VAL A 116 -13.23 -32.64 -3.77
N SER A 117 -13.47 -32.40 -5.07
CA SER A 117 -13.61 -33.48 -6.04
C SER A 117 -12.34 -34.32 -6.19
N ASP A 118 -11.16 -33.69 -6.15
CA ASP A 118 -9.94 -34.51 -6.22
C ASP A 118 -9.68 -35.28 -4.94
N LEU A 119 -10.16 -34.78 -3.80
CA LEU A 119 -9.95 -35.52 -2.56
C LEU A 119 -10.98 -36.64 -2.43
N LEU A 120 -12.16 -36.46 -3.04
CA LEU A 120 -13.08 -37.58 -3.21
C LEU A 120 -12.54 -38.63 -4.15
N VAL A 121 -11.73 -38.24 -5.15
CA VAL A 121 -11.14 -39.23 -6.03
C VAL A 121 -10.08 -40.02 -5.27
N ALA A 122 -9.22 -39.30 -4.52
CA ALA A 122 -8.12 -39.93 -3.82
C ALA A 122 -8.61 -40.80 -2.66
N VAL A 123 -9.79 -40.52 -2.13
CA VAL A 123 -10.28 -41.18 -0.93
C VAL A 123 -11.16 -42.36 -1.30
N LEU A 124 -11.94 -42.26 -2.38
CA LEU A 124 -12.93 -43.27 -2.72
C LEU A 124 -12.59 -44.11 -3.93
N VAL A 125 -11.97 -43.55 -4.99
CA VAL A 125 -11.76 -44.35 -6.19
C VAL A 125 -10.47 -45.16 -6.09
N MET A 126 -9.35 -44.49 -5.89
CA MET A 126 -8.02 -45.05 -6.12
C MET A 126 -7.46 -46.09 -5.12
N PRO A 127 -7.76 -46.05 -3.77
CA PRO A 127 -7.24 -47.14 -2.91
C PRO A 127 -7.86 -48.50 -3.15
N TRP A 128 -9.20 -48.55 -3.14
CA TRP A 128 -10.00 -49.72 -3.51
C TRP A 128 -9.50 -50.40 -4.79
N LYS A 129 -9.47 -49.65 -5.90
CA LYS A 129 -9.02 -50.25 -7.16
C LYS A 129 -7.53 -50.59 -7.12
N ALA A 130 -6.74 -49.93 -6.26
CA ALA A 130 -5.32 -50.27 -6.18
C ALA A 130 -5.17 -51.63 -5.49
N VAL A 131 -6.03 -51.87 -4.50
CA VAL A 131 -6.08 -53.15 -3.79
C VAL A 131 -6.48 -54.24 -4.77
N ALA A 132 -7.54 -53.98 -5.54
CA ALA A 132 -8.04 -54.92 -6.55
C ALA A 132 -6.95 -55.28 -7.56
N GLU A 133 -6.18 -54.29 -8.03
CA GLU A 133 -5.19 -54.56 -9.07
C GLU A 133 -4.01 -55.34 -8.49
N ILE A 134 -3.67 -55.08 -7.22
CA ILE A 134 -2.49 -55.71 -6.64
C ILE A 134 -2.79 -57.15 -6.20
N ALA A 135 -3.96 -57.37 -5.61
CA ALA A 135 -4.41 -58.74 -5.37
C ALA A 135 -4.74 -59.48 -6.67
N GLY A 136 -5.38 -58.81 -7.61
CA GLY A 136 -5.76 -59.43 -8.87
C GLY A 136 -7.19 -59.92 -8.93
N PHE A 137 -7.87 -60.02 -7.80
CA PHE A 137 -9.28 -60.35 -7.74
C PHE A 137 -10.04 -59.25 -7.00
N TRP A 138 -11.36 -59.25 -7.17
CA TRP A 138 -12.26 -58.30 -6.52
C TRP A 138 -12.95 -58.98 -5.34
N PRO A 139 -12.50 -58.77 -4.09
CA PRO A 139 -13.10 -59.51 -2.97
C PRO A 139 -14.33 -58.83 -2.39
N PHE A 140 -14.51 -57.55 -2.69
CA PHE A 140 -15.50 -56.74 -2.00
C PHE A 140 -16.93 -57.00 -2.45
N GLY A 141 -17.14 -57.74 -3.55
CA GLY A 141 -18.47 -58.18 -3.88
C GLY A 141 -19.36 -57.10 -4.50
N SER A 142 -20.50 -56.85 -3.86
CA SER A 142 -21.54 -55.97 -4.38
C SER A 142 -21.14 -54.51 -4.40
N PHE A 143 -20.07 -54.12 -3.69
CA PHE A 143 -19.52 -52.76 -3.72
C PHE A 143 -19.05 -52.29 -5.11
N CYS A 144 -19.02 -53.18 -6.11
CA CYS A 144 -18.61 -52.84 -7.48
C CYS A 144 -19.46 -51.72 -8.07
N ASN A 145 -20.78 -51.92 -8.11
CA ASN A 145 -21.73 -50.95 -8.67
C ASN A 145 -21.61 -49.57 -8.02
N ILE A 146 -21.57 -49.54 -6.68
CA ILE A 146 -21.41 -48.29 -5.94
C ILE A 146 -20.06 -47.64 -6.25
N TRP A 147 -19.01 -48.45 -6.42
CA TRP A 147 -17.71 -47.93 -6.82
C TRP A 147 -17.76 -47.28 -8.21
N VAL A 148 -18.42 -47.95 -9.16
CA VAL A 148 -18.58 -47.43 -10.51
C VAL A 148 -19.29 -46.08 -10.47
N ALA A 149 -20.42 -46.01 -9.75
CA ALA A 149 -21.21 -44.78 -9.73
C ALA A 149 -20.43 -43.65 -9.06
N PHE A 150 -19.62 -43.96 -8.03
CA PHE A 150 -18.83 -42.94 -7.37
C PHE A 150 -17.65 -42.48 -8.20
N ASP A 151 -17.13 -43.32 -9.10
CA ASP A 151 -16.06 -42.87 -9.98
C ASP A 151 -16.50 -42.21 -11.29
N ILE A 152 -17.71 -42.50 -11.77
CA ILE A 152 -18.40 -41.59 -12.68
C ILE A 152 -18.68 -40.22 -12.05
N MET A 153 -19.22 -40.20 -10.82
CA MET A 153 -19.50 -38.92 -10.18
C MET A 153 -18.26 -38.10 -9.88
N CYS A 154 -17.20 -38.72 -9.34
CA CYS A 154 -15.98 -37.98 -9.03
C CYS A 154 -15.22 -37.54 -10.28
N SER A 155 -15.23 -38.35 -11.35
CA SER A 155 -14.53 -37.95 -12.57
C SER A 155 -15.26 -36.82 -13.29
N THR A 156 -16.56 -36.99 -13.54
CA THR A 156 -17.36 -35.90 -14.11
C THR A 156 -17.37 -34.63 -13.25
N ALA A 157 -17.32 -34.76 -11.91
CA ALA A 157 -17.20 -33.56 -11.08
C ALA A 157 -15.86 -32.86 -11.24
N SER A 158 -14.78 -33.62 -11.45
CA SER A 158 -13.49 -33.01 -11.76
C SER A 158 -13.48 -32.27 -13.10
N ILE A 159 -14.03 -32.87 -14.15
CA ILE A 159 -14.00 -32.23 -15.46
C ILE A 159 -14.98 -31.04 -15.52
N LEU A 160 -16.13 -31.14 -14.87
CA LEU A 160 -17.01 -29.98 -14.76
C LEU A 160 -16.40 -28.85 -13.93
N ASN A 161 -15.73 -29.16 -12.82
CA ASN A 161 -15.02 -28.12 -12.09
C ASN A 161 -13.92 -27.44 -12.91
N LEU A 162 -13.29 -28.17 -13.82
CA LEU A 162 -12.33 -27.53 -14.73
C LEU A 162 -12.97 -26.72 -15.85
N CYS A 163 -14.20 -27.04 -16.24
CA CYS A 163 -14.88 -26.16 -17.17
C CYS A 163 -15.54 -24.94 -16.50
N VAL A 164 -15.95 -25.07 -15.25
CA VAL A 164 -16.24 -23.91 -14.40
C VAL A 164 -15.01 -23.00 -14.27
N ILE A 165 -13.82 -23.59 -14.09
CA ILE A 165 -12.58 -22.81 -13.99
C ILE A 165 -12.33 -22.03 -15.27
N SER A 166 -12.48 -22.69 -16.42
CA SER A 166 -12.19 -22.03 -17.69
C SER A 166 -13.19 -20.92 -18.02
N VAL A 167 -14.48 -21.15 -17.75
CA VAL A 167 -15.47 -20.08 -17.93
C VAL A 167 -15.31 -18.92 -16.92
N ASP A 168 -14.83 -19.20 -15.71
CA ASP A 168 -14.42 -18.11 -14.81
C ASP A 168 -13.22 -17.32 -15.33
N ARG A 169 -12.19 -17.99 -15.85
CA ARG A 169 -11.07 -17.29 -16.46
C ARG A 169 -11.45 -16.50 -17.70
N TYR A 170 -12.46 -16.95 -18.45
CA TYR A 170 -12.78 -16.22 -19.66
C TYR A 170 -13.75 -15.08 -19.36
N TRP A 171 -14.53 -15.20 -18.29
CA TRP A 171 -15.47 -14.13 -17.99
C TRP A 171 -14.78 -13.00 -17.23
N ALA A 172 -13.77 -13.35 -16.39
CA ALA A 172 -12.90 -12.34 -15.80
C ALA A 172 -11.91 -11.67 -16.76
N ILE A 173 -11.31 -12.42 -17.71
CA ILE A 173 -10.49 -11.73 -18.71
C ILE A 173 -11.28 -11.06 -19.85
N SER A 174 -12.47 -11.56 -20.20
CA SER A 174 -13.22 -10.96 -21.31
C SER A 174 -13.86 -9.63 -20.93
N SER A 175 -14.62 -9.61 -19.85
CA SER A 175 -15.23 -8.37 -19.36
C SER A 175 -14.67 -8.06 -17.99
N PRO A 176 -13.82 -7.04 -17.84
CA PRO A 176 -13.25 -6.77 -16.51
C PRO A 176 -14.27 -6.16 -15.55
N PHE A 177 -15.21 -5.37 -16.05
CA PHE A 177 -16.10 -4.60 -15.19
C PHE A 177 -17.32 -5.45 -14.83
N ARG A 178 -17.89 -6.09 -15.85
CA ARG A 178 -19.17 -6.77 -15.72
C ARG A 178 -19.04 -8.09 -14.99
N TYR A 179 -17.82 -8.49 -14.66
CA TYR A 179 -17.53 -9.68 -13.88
C TYR A 179 -17.53 -9.36 -12.40
N GLU A 180 -17.24 -8.12 -12.02
CA GLU A 180 -17.50 -7.67 -10.66
C GLU A 180 -19.00 -7.58 -10.36
N ARG A 181 -19.78 -6.96 -11.26
CA ARG A 181 -21.24 -6.94 -11.17
C ARG A 181 -21.90 -8.32 -11.24
N LYS A 182 -21.53 -9.16 -12.21
CA LYS A 182 -22.27 -10.43 -12.33
C LYS A 182 -21.79 -11.52 -11.38
N MET A 183 -20.49 -11.66 -11.15
CA MET A 183 -20.03 -12.78 -10.33
C MET A 183 -20.07 -12.40 -8.84
N THR A 184 -21.31 -12.37 -8.35
CA THR A 184 -21.59 -12.50 -6.93
C THR A 184 -21.16 -13.90 -6.48
N PRO A 185 -20.75 -14.06 -5.21
CA PRO A 185 -20.60 -15.42 -4.64
C PRO A 185 -21.80 -16.37 -4.83
N LYS A 186 -23.01 -15.84 -4.97
CA LYS A 186 -24.19 -16.68 -5.16
C LYS A 186 -24.17 -17.35 -6.54
N ALA A 187 -23.71 -16.62 -7.56
CA ALA A 187 -23.53 -17.24 -8.88
C ALA A 187 -22.45 -18.33 -8.86
N ALA A 188 -21.37 -18.11 -8.10
CA ALA A 188 -20.38 -19.16 -7.84
C ALA A 188 -21.04 -20.43 -7.28
N PHE A 189 -21.98 -20.26 -6.34
CA PHE A 189 -22.58 -21.44 -5.73
C PHE A 189 -23.58 -22.10 -6.67
N ILE A 190 -24.24 -21.33 -7.53
CA ILE A 190 -25.16 -21.96 -8.49
C ILE A 190 -24.40 -22.65 -9.62
N LEU A 191 -23.20 -22.17 -9.97
CA LEU A 191 -22.34 -22.92 -10.89
C LEU A 191 -21.86 -24.24 -10.29
N ILE A 192 -21.36 -24.19 -9.04
CA ILE A 192 -20.90 -25.43 -8.39
C ILE A 192 -22.05 -26.40 -8.13
N SER A 193 -23.27 -25.90 -7.96
CA SER A 193 -24.39 -26.79 -7.70
C SER A 193 -25.01 -27.37 -8.96
N VAL A 194 -24.95 -26.68 -10.10
CA VAL A 194 -25.28 -27.36 -11.35
C VAL A 194 -24.15 -28.23 -11.90
N ALA A 195 -22.89 -28.00 -11.51
CA ALA A 195 -21.84 -28.98 -11.75
C ALA A 195 -22.04 -30.29 -10.99
N TRP A 196 -22.23 -30.21 -9.67
CA TRP A 196 -22.43 -31.44 -8.90
C TRP A 196 -23.81 -32.08 -9.08
N THR A 197 -24.83 -31.31 -9.49
CA THR A 197 -26.08 -31.95 -9.87
C THR A 197 -26.04 -32.59 -11.26
N LEU A 198 -25.28 -32.03 -12.21
CA LEU A 198 -25.04 -32.77 -13.45
C LEU A 198 -24.18 -34.01 -13.23
N SER A 199 -23.27 -34.00 -12.24
CA SER A 199 -22.48 -35.20 -11.99
C SER A 199 -23.28 -36.30 -11.29
N VAL A 200 -24.21 -35.94 -10.41
CA VAL A 200 -25.03 -36.98 -9.78
C VAL A 200 -26.18 -37.42 -10.67
N LEU A 201 -26.62 -36.58 -11.62
CA LEU A 201 -27.54 -37.05 -12.64
C LEU A 201 -26.88 -37.88 -13.73
N ILE A 202 -25.58 -37.66 -14.00
CA ILE A 202 -24.85 -38.57 -14.88
C ILE A 202 -24.51 -39.90 -14.21
N SER A 203 -24.48 -39.97 -12.87
CA SER A 203 -23.98 -41.20 -12.26
C SER A 203 -25.01 -41.97 -11.43
N PHE A 204 -25.64 -41.37 -10.42
CA PHE A 204 -26.37 -42.22 -9.48
C PHE A 204 -27.77 -42.62 -9.92
N ILE A 205 -28.34 -42.02 -10.95
CA ILE A 205 -29.52 -42.63 -11.58
C ILE A 205 -29.17 -43.78 -12.52
N PRO A 206 -28.28 -43.65 -13.54
CA PRO A 206 -28.11 -44.78 -14.48
C PRO A 206 -27.50 -46.03 -13.88
N VAL A 207 -26.47 -45.90 -13.03
CA VAL A 207 -25.74 -47.08 -12.52
C VAL A 207 -26.68 -47.93 -11.67
N GLN A 208 -27.54 -47.26 -10.91
CA GLN A 208 -28.42 -47.92 -9.95
C GLN A 208 -29.65 -48.50 -10.63
N LEU A 209 -30.20 -47.78 -11.62
CA LEU A 209 -31.10 -48.44 -12.58
C LEU A 209 -30.39 -49.44 -13.50
N SER A 210 -29.06 -49.43 -13.58
CA SER A 210 -28.23 -50.43 -14.29
C SER A 210 -28.57 -50.50 -15.78
N TRP A 211 -28.66 -49.34 -16.41
CA TRP A 211 -28.84 -49.27 -17.85
C TRP A 211 -27.55 -49.54 -18.61
N HIS A 212 -26.40 -49.20 -18.01
CA HIS A 212 -25.12 -49.44 -18.67
C HIS A 212 -24.71 -50.91 -18.58
N LYS A 213 -25.08 -51.58 -17.48
CA LYS A 213 -24.57 -52.92 -17.18
C LYS A 213 -25.11 -53.96 -18.15
N ALA A 214 -26.42 -53.92 -18.42
CA ALA A 214 -27.09 -54.94 -19.23
C ALA A 214 -26.92 -54.68 -20.72
N LYS A 215 -25.66 -54.70 -21.16
CA LYS A 215 -25.33 -54.69 -22.59
C LYS A 215 -25.99 -55.81 -23.40
N PRO A 216 -25.94 -57.10 -22.99
CA PRO A 216 -26.63 -58.03 -23.91
C PRO A 216 -28.15 -58.10 -23.69
N ASN A 233 -15.38 -60.35 -10.83
CA ASN A 233 -14.59 -59.16 -11.12
C ASN A 233 -15.55 -57.98 -11.30
N CYS A 234 -15.02 -56.76 -11.29
CA CYS A 234 -15.81 -55.54 -11.48
C CYS A 234 -15.69 -55.03 -12.92
N ASP A 235 -15.63 -55.95 -13.88
CA ASP A 235 -15.51 -55.60 -15.30
C ASP A 235 -16.92 -55.43 -15.87
N SER A 236 -17.48 -54.24 -15.68
CA SER A 236 -18.80 -53.90 -16.18
C SER A 236 -18.66 -53.35 -17.59
N SER A 237 -19.09 -54.14 -18.58
CA SER A 237 -19.10 -53.70 -19.97
C SER A 237 -20.21 -52.69 -20.18
N LEU A 238 -19.84 -51.43 -20.45
CA LEU A 238 -20.81 -50.37 -20.62
C LEU A 238 -21.60 -50.53 -21.91
N SER A 239 -22.89 -50.24 -21.86
CA SER A 239 -23.70 -50.20 -23.06
C SER A 239 -23.34 -48.99 -23.91
N ARG A 240 -23.78 -49.00 -25.17
CA ARG A 240 -23.32 -47.98 -26.11
C ARG A 240 -24.01 -46.64 -25.90
N THR A 241 -25.30 -46.67 -25.57
CA THR A 241 -26.04 -45.44 -25.28
C THR A 241 -25.48 -44.71 -24.05
N TYR A 242 -25.10 -45.45 -23.01
CA TYR A 242 -24.50 -44.81 -21.85
C TYR A 242 -23.06 -44.39 -22.08
N ALA A 243 -22.28 -45.18 -22.83
CA ALA A 243 -20.89 -44.82 -23.03
C ALA A 243 -20.77 -43.58 -23.92
N ILE A 244 -21.56 -43.52 -25.00
CA ILE A 244 -21.54 -42.34 -25.88
C ILE A 244 -22.08 -41.13 -25.12
N SER A 245 -23.23 -41.29 -24.44
CA SER A 245 -23.88 -40.25 -23.64
C SER A 245 -22.91 -39.64 -22.63
N SER A 246 -22.58 -40.43 -21.60
CA SER A 246 -21.74 -39.95 -20.51
C SER A 246 -20.34 -39.57 -20.95
N SER A 247 -19.84 -40.10 -22.08
CA SER A 247 -18.50 -39.70 -22.49
C SER A 247 -18.51 -38.38 -23.21
N VAL A 248 -19.59 -38.05 -23.93
CA VAL A 248 -19.61 -36.77 -24.61
C VAL A 248 -20.02 -35.63 -23.69
N ILE A 249 -20.99 -35.88 -22.79
CA ILE A 249 -21.28 -34.97 -21.68
C ILE A 249 -20.19 -34.90 -20.60
N SER A 250 -19.29 -35.88 -20.49
CA SER A 250 -18.18 -35.68 -19.57
C SER A 250 -16.94 -35.09 -20.21
N PHE A 251 -16.71 -35.27 -21.50
CA PHE A 251 -15.44 -34.82 -22.08
C PHE A 251 -15.61 -33.79 -23.18
N TYR A 252 -16.47 -34.05 -24.17
CA TYR A 252 -16.30 -33.41 -25.47
C TYR A 252 -16.85 -31.98 -25.52
N ILE A 253 -18.04 -31.77 -24.96
CA ILE A 253 -18.51 -30.40 -24.70
C ILE A 253 -17.62 -29.57 -23.76
N PRO A 254 -17.27 -30.02 -22.53
CA PRO A 254 -16.31 -29.21 -21.74
C PRO A 254 -14.93 -28.92 -22.34
N VAL A 255 -14.37 -29.79 -23.18
CA VAL A 255 -13.12 -29.44 -23.85
C VAL A 255 -13.27 -28.66 -25.15
N ALA A 256 -14.46 -28.61 -25.75
CA ALA A 256 -14.73 -27.55 -26.71
C ALA A 256 -14.97 -26.17 -26.08
N ILE A 257 -15.64 -26.12 -24.93
CA ILE A 257 -15.70 -24.90 -24.13
C ILE A 257 -14.30 -24.43 -23.72
N MET A 258 -13.45 -25.34 -23.25
CA MET A 258 -12.08 -24.95 -22.92
C MET A 258 -11.24 -24.55 -24.14
N ILE A 259 -11.50 -25.10 -25.33
CA ILE A 259 -10.64 -24.69 -26.44
C ILE A 259 -11.08 -23.33 -26.99
N VAL A 260 -12.37 -23.03 -26.94
CA VAL A 260 -12.82 -21.69 -27.34
C VAL A 260 -12.46 -20.63 -26.30
N THR A 261 -12.48 -21.02 -25.01
CA THR A 261 -12.00 -20.16 -23.93
C THR A 261 -10.52 -19.82 -24.07
N TYR A 262 -9.65 -20.84 -24.15
CA TYR A 262 -8.23 -20.54 -24.12
C TYR A 262 -7.74 -19.95 -25.45
N THR A 263 -8.43 -20.18 -26.57
CA THR A 263 -8.06 -19.48 -27.79
C THR A 263 -8.45 -18.00 -27.75
N ARG A 264 -9.62 -17.67 -27.19
CA ARG A 264 -9.96 -16.25 -26.99
C ARG A 264 -9.04 -15.55 -25.96
N ILE A 265 -8.65 -16.26 -24.90
CA ILE A 265 -7.65 -15.71 -23.98
C ILE A 265 -6.25 -15.60 -24.57
N TYR A 266 -5.89 -16.40 -25.58
CA TYR A 266 -4.67 -16.05 -26.29
C TYR A 266 -4.85 -14.99 -27.39
N ARG A 267 -6.08 -14.66 -27.77
CA ARG A 267 -6.29 -13.45 -28.57
C ARG A 267 -6.06 -12.21 -27.73
N ILE A 268 -6.66 -12.20 -26.52
CA ILE A 268 -6.52 -11.08 -25.59
C ILE A 268 -5.05 -10.90 -25.22
N ALA A 269 -4.40 -11.98 -24.77
CA ALA A 269 -3.03 -11.89 -24.28
C ALA A 269 -2.06 -11.53 -25.41
N GLN A 270 -2.41 -11.84 -26.67
CA GLN A 270 -1.46 -11.49 -27.73
C GLN A 270 -1.62 -10.03 -28.11
N LYS A 271 -2.84 -9.49 -27.98
CA LYS A 271 -3.02 -8.06 -28.22
C LYS A 271 -2.31 -7.24 -27.15
N GLN A 272 -2.32 -7.75 -25.91
CA GLN A 272 -1.65 -7.03 -24.82
C GLN A 272 -0.14 -7.11 -24.97
N ILE A 273 0.39 -8.25 -25.44
CA ILE A 273 1.83 -8.37 -25.62
C ILE A 273 2.29 -7.53 -26.82
N ARG A 274 1.39 -7.28 -27.79
CA ARG A 274 1.80 -6.41 -28.89
C ARG A 274 1.82 -4.95 -28.45
N ARG A 275 0.91 -4.57 -27.55
CA ARG A 275 0.91 -3.18 -27.08
C ARG A 275 2.13 -2.90 -26.20
N ILE A 276 2.43 -3.82 -25.27
CA ILE A 276 3.63 -3.69 -24.43
C ILE A 276 4.90 -3.74 -25.26
N ALA A 277 4.92 -4.53 -26.34
CA ALA A 277 6.11 -4.57 -27.20
C ALA A 277 6.27 -3.30 -28.01
N ALA A 278 5.17 -2.66 -28.39
CA ALA A 278 5.24 -1.35 -29.04
C ALA A 278 5.81 -0.28 -28.13
N LEU A 279 5.27 -0.17 -26.90
CA LEU A 279 5.79 0.81 -25.94
C LEU A 279 7.24 0.54 -25.53
N GLU A 280 7.59 -0.73 -25.28
CA GLU A 280 8.98 -1.15 -25.09
C GLU A 280 9.89 -0.73 -26.25
N ARG A 281 9.44 -0.94 -27.49
CA ARG A 281 10.30 -0.64 -28.63
C ARG A 281 10.47 0.86 -28.81
N ALA A 282 9.45 1.63 -28.43
CA ALA A 282 9.56 3.09 -28.47
C ALA A 282 10.52 3.61 -27.42
N ALA A 283 10.49 3.04 -26.22
CA ALA A 283 11.50 3.32 -25.19
C ALA A 283 12.92 2.97 -25.62
N VAL A 284 13.14 1.75 -26.13
CA VAL A 284 14.39 1.37 -26.80
C VAL A 284 14.85 2.39 -27.85
N HIS A 285 13.94 2.79 -28.74
CA HIS A 285 14.21 3.88 -29.69
C HIS A 285 14.68 5.16 -28.99
N ALA A 286 13.94 5.59 -27.97
CA ALA A 286 14.24 6.80 -27.19
C ALA A 286 15.66 6.79 -26.62
N LYS A 287 15.99 5.72 -25.87
CA LYS A 287 17.33 5.53 -25.27
C LYS A 287 18.47 5.72 -26.27
N ASN A 288 18.32 5.19 -27.48
CA ASN A 288 19.35 5.33 -28.50
C ASN A 288 19.44 6.76 -29.03
N SER A 311 8.83 -8.91 -24.14
CA SER A 311 8.01 -9.03 -25.35
C SER A 311 7.93 -10.48 -25.80
N PHE A 312 9.03 -10.95 -26.41
CA PHE A 312 9.16 -12.36 -26.78
C PHE A 312 9.07 -13.27 -25.56
N LYS A 313 9.88 -12.96 -24.53
CA LYS A 313 9.85 -13.67 -23.25
C LYS A 313 8.45 -13.78 -22.67
N ARG A 314 7.72 -12.67 -22.60
CA ARG A 314 6.41 -12.67 -21.94
C ARG A 314 5.40 -13.45 -22.77
N GLU A 315 5.53 -13.41 -24.09
CA GLU A 315 4.61 -14.09 -24.99
C GLU A 315 4.86 -15.59 -25.00
N THR A 316 6.09 -16.00 -24.74
CA THR A 316 6.40 -17.40 -24.59
C THR A 316 6.22 -17.93 -23.15
N LYS A 317 6.18 -17.05 -22.15
CA LYS A 317 5.50 -17.39 -20.90
C LYS A 317 3.98 -17.55 -21.05
N VAL A 318 3.34 -16.82 -21.96
CA VAL A 318 1.92 -17.06 -22.20
C VAL A 318 1.69 -18.34 -23.00
N LEU A 319 2.64 -18.68 -23.89
CA LEU A 319 2.56 -19.95 -24.60
C LEU A 319 2.81 -21.11 -23.64
N LYS A 320 3.79 -21.00 -22.74
CA LYS A 320 4.08 -22.07 -21.80
C LYS A 320 2.98 -22.24 -20.77
N THR A 321 2.24 -21.17 -20.49
CA THR A 321 1.24 -21.26 -19.43
C THR A 321 0.00 -21.89 -20.03
N LEU A 322 -0.54 -21.26 -21.10
CA LEU A 322 -1.78 -21.74 -21.72
C LEU A 322 -1.57 -23.16 -22.24
N SER A 323 -0.36 -23.45 -22.72
CA SER A 323 -0.06 -24.71 -23.38
C SER A 323 0.10 -25.85 -22.38
N VAL A 324 0.77 -25.63 -21.23
CA VAL A 324 0.80 -26.72 -20.26
C VAL A 324 -0.52 -26.90 -19.49
N ILE A 325 -1.30 -25.82 -19.28
CA ILE A 325 -2.67 -25.93 -18.79
C ILE A 325 -3.55 -26.75 -19.74
N MET A 326 -3.46 -26.48 -21.04
CA MET A 326 -4.33 -27.20 -21.97
C MET A 326 -3.79 -28.60 -22.23
N GLY A 327 -2.47 -28.71 -22.27
CA GLY A 327 -1.82 -29.92 -22.76
C GLY A 327 -1.93 -31.06 -21.77
N VAL A 328 -1.63 -30.80 -20.49
CA VAL A 328 -1.63 -31.86 -19.49
C VAL A 328 -3.02 -32.47 -19.39
N PHE A 329 -4.03 -31.63 -19.12
CA PHE A 329 -5.40 -32.07 -18.98
C PHE A 329 -5.93 -32.79 -20.22
N VAL A 330 -5.56 -32.32 -21.42
CA VAL A 330 -6.17 -32.90 -22.62
C VAL A 330 -5.42 -34.13 -23.13
N CYS A 331 -4.12 -34.22 -22.91
CA CYS A 331 -3.42 -35.45 -23.27
C CYS A 331 -3.51 -36.51 -22.19
N CYS A 332 -3.81 -36.16 -20.95
CA CYS A 332 -4.13 -37.16 -19.94
C CYS A 332 -5.59 -37.60 -19.86
N TRP A 333 -6.57 -36.82 -20.35
CA TRP A 333 -7.89 -37.43 -20.57
C TRP A 333 -8.21 -37.87 -21.99
N LEU A 334 -7.42 -37.52 -23.00
CA LEU A 334 -7.78 -37.88 -24.38
C LEU A 334 -7.73 -39.37 -24.75
N PRO A 335 -6.75 -40.17 -24.30
CA PRO A 335 -6.76 -41.58 -24.72
C PRO A 335 -7.89 -42.37 -24.10
N PHE A 336 -8.30 -42.05 -22.87
CA PHE A 336 -9.27 -42.92 -22.24
C PHE A 336 -10.67 -42.66 -22.78
N PHE A 337 -10.92 -41.48 -23.33
CA PHE A 337 -12.21 -41.24 -23.96
C PHE A 337 -12.21 -41.61 -25.44
N ILE A 338 -11.04 -41.71 -26.06
CA ILE A 338 -10.98 -42.39 -27.36
C ILE A 338 -11.23 -43.88 -27.18
N LEU A 339 -10.54 -44.52 -26.22
CA LEU A 339 -10.75 -45.94 -25.92
C LEU A 339 -12.20 -46.18 -25.52
N ASN A 340 -12.76 -45.25 -24.73
CA ASN A 340 -14.05 -45.44 -24.09
C ASN A 340 -15.13 -45.40 -25.14
N CYS A 341 -14.98 -44.53 -26.15
CA CYS A 341 -16.01 -44.49 -27.17
C CYS A 341 -15.81 -45.59 -28.21
N ILE A 342 -14.55 -45.95 -28.52
CA ILE A 342 -14.29 -47.02 -29.50
C ILE A 342 -14.80 -48.36 -29.00
N LEU A 343 -14.29 -48.82 -27.81
CA LEU A 343 -14.55 -50.07 -27.08
C LEU A 343 -15.95 -50.67 -27.25
N PRO A 344 -17.08 -49.97 -26.96
CA PRO A 344 -18.40 -50.60 -27.11
C PRO A 344 -18.69 -51.07 -28.54
N PHE A 345 -18.27 -50.29 -29.54
CA PHE A 345 -18.45 -50.62 -30.95
C PHE A 345 -17.42 -51.68 -31.44
N CYS A 346 -16.66 -52.25 -30.51
CA CYS A 346 -15.69 -53.30 -30.81
C CYS A 346 -15.76 -54.40 -29.76
N CYS A 355 -10.72 -55.01 -29.55
CA CYS A 355 -9.66 -54.28 -30.24
C CYS A 355 -8.52 -53.95 -29.29
N ILE A 356 -8.86 -53.83 -28.01
CA ILE A 356 -7.93 -53.39 -26.98
C ILE A 356 -7.88 -54.46 -25.90
N ASP A 357 -6.67 -54.80 -25.46
CA ASP A 357 -6.49 -55.69 -24.33
C ASP A 357 -6.97 -55.03 -23.04
N SER A 358 -7.38 -55.86 -22.07
CA SER A 358 -7.89 -55.36 -20.80
C SER A 358 -6.81 -54.62 -20.01
N ASN A 359 -5.57 -55.11 -20.07
CA ASN A 359 -4.45 -54.47 -19.38
C ASN A 359 -4.24 -53.03 -19.87
N THR A 360 -4.27 -52.85 -21.19
CA THR A 360 -4.02 -51.54 -21.79
C THR A 360 -5.07 -50.52 -21.35
N PHE A 361 -6.35 -50.93 -21.38
CA PHE A 361 -7.44 -50.17 -20.76
C PHE A 361 -7.21 -49.87 -19.29
N ASP A 362 -6.71 -50.85 -18.51
CA ASP A 362 -6.31 -50.61 -17.11
C ASP A 362 -5.33 -49.45 -17.02
N VAL A 363 -4.25 -49.51 -17.81
CA VAL A 363 -3.15 -48.55 -17.68
C VAL A 363 -3.65 -47.16 -18.04
N PHE A 364 -4.56 -47.08 -19.04
CA PHE A 364 -5.02 -45.77 -19.49
C PHE A 364 -6.01 -45.20 -18.47
N VAL A 365 -6.70 -46.08 -17.74
CA VAL A 365 -7.62 -45.60 -16.70
C VAL A 365 -6.79 -45.05 -15.54
N TRP A 366 -5.65 -45.71 -15.26
CA TRP A 366 -4.71 -45.19 -14.28
C TRP A 366 -4.20 -43.81 -14.70
N PHE A 367 -3.98 -43.59 -16.01
CA PHE A 367 -3.47 -42.28 -16.43
C PHE A 367 -4.54 -41.23 -16.20
N GLY A 368 -5.80 -41.61 -16.50
CA GLY A 368 -6.94 -40.73 -16.33
C GLY A 368 -7.08 -40.30 -14.89
N TRP A 369 -6.73 -41.20 -13.96
CA TRP A 369 -6.88 -40.87 -12.55
C TRP A 369 -5.65 -40.10 -12.11
N ALA A 370 -4.51 -40.43 -12.72
CA ALA A 370 -3.20 -39.88 -12.37
C ALA A 370 -3.21 -38.37 -12.51
N ASN A 371 -3.95 -37.87 -13.52
CA ASN A 371 -3.97 -36.44 -13.85
C ASN A 371 -4.48 -35.60 -12.67
N SER A 372 -5.33 -36.19 -11.81
CA SER A 372 -5.90 -35.48 -10.68
C SER A 372 -4.87 -35.20 -9.59
N SER A 373 -3.76 -35.94 -9.59
CA SER A 373 -2.62 -35.56 -8.76
C SER A 373 -1.94 -34.30 -9.26
N LEU A 374 -1.78 -34.15 -10.58
CA LEU A 374 -1.21 -32.93 -11.12
C LEU A 374 -2.15 -31.73 -11.14
N ASN A 375 -3.46 -31.93 -10.96
CA ASN A 375 -4.38 -30.79 -11.03
C ASN A 375 -4.21 -29.71 -9.95
N PRO A 376 -3.80 -29.99 -8.66
CA PRO A 376 -3.58 -28.86 -7.74
C PRO A 376 -2.29 -28.09 -8.00
N ILE A 377 -1.22 -28.80 -8.37
CA ILE A 377 0.03 -28.14 -8.75
C ILE A 377 -0.19 -27.17 -9.90
N ILE A 378 -0.97 -27.58 -10.90
CA ILE A 378 -1.20 -26.74 -12.08
C ILE A 378 -2.13 -25.58 -11.72
N TYR A 379 -3.22 -25.86 -11.01
CA TYR A 379 -4.19 -24.81 -10.73
C TYR A 379 -3.92 -24.04 -9.44
N ALA A 380 -2.75 -24.22 -8.84
CA ALA A 380 -2.38 -23.53 -7.61
C ALA A 380 -0.95 -22.98 -7.69
N PHE A 381 -0.64 -22.26 -8.76
CA PHE A 381 0.66 -21.59 -8.87
C PHE A 381 0.68 -20.19 -8.27
N ASN A 382 -0.40 -19.78 -7.59
CA ASN A 382 -0.44 -18.45 -7.00
C ASN A 382 0.56 -18.31 -5.85
N ALA A 383 1.10 -17.10 -5.71
CA ALA A 383 2.04 -16.79 -4.64
C ALA A 383 1.38 -16.93 -3.27
N ASP A 384 0.12 -16.51 -3.16
CA ASP A 384 -0.65 -16.66 -1.93
C ASP A 384 -0.74 -18.11 -1.47
N PHE A 385 -0.97 -19.04 -2.41
CA PHE A 385 -0.95 -20.45 -2.06
C PHE A 385 0.44 -20.96 -1.71
N ARG A 386 1.49 -20.39 -2.29
CA ARG A 386 2.85 -20.80 -1.93
C ARG A 386 3.22 -20.35 -0.52
N LYS A 387 2.85 -19.12 -0.17
CA LYS A 387 2.91 -18.63 1.21
C LYS A 387 2.13 -19.53 2.16
N ALA A 388 0.84 -19.76 1.86
CA ALA A 388 -0.01 -20.57 2.72
C ALA A 388 0.43 -22.03 2.84
N PHE A 389 1.19 -22.55 1.85
CA PHE A 389 1.76 -23.88 1.95
C PHE A 389 3.08 -23.92 2.69
N SER A 390 3.86 -22.83 2.66
CA SER A 390 5.00 -22.73 3.55
C SER A 390 4.58 -22.55 5.01
N THR A 391 3.65 -21.65 5.27
CA THR A 391 2.96 -21.54 6.57
C THR A 391 2.35 -22.82 7.15
N LEU A 392 1.32 -23.37 6.47
CA LEU A 392 0.74 -24.68 6.80
C LEU A 392 1.78 -25.80 6.95
N LEU A 393 2.50 -26.10 5.87
CA LEU A 393 3.50 -27.18 5.90
C LEU A 393 4.61 -26.94 6.92
N GLY A 394 5.06 -25.71 7.07
CA GLY A 394 6.15 -25.45 8.00
C GLY A 394 7.53 -25.73 7.45
N CYS A 395 7.65 -25.97 6.14
CA CYS A 395 8.94 -26.32 5.56
C CYS A 395 9.89 -25.13 5.54
N TYR A 396 9.38 -23.95 5.16
CA TYR A 396 10.20 -22.75 5.14
C TYR A 396 10.03 -21.95 6.42
N THR B 8 -29.88 -12.76 35.53
CA THR B 8 -29.11 -12.85 34.30
C THR B 8 -30.01 -12.65 33.09
N GLU B 9 -31.25 -12.23 33.33
CA GLU B 9 -32.20 -12.01 32.25
C GLU B 9 -31.86 -10.74 31.46
N ASP B 10 -31.68 -9.62 32.18
CA ASP B 10 -31.36 -8.34 31.55
C ASP B 10 -30.06 -8.39 30.77
N GLN B 11 -29.11 -9.22 31.23
CA GLN B 11 -27.79 -9.30 30.59
C GLN B 11 -27.94 -9.94 29.21
N ARG B 12 -28.56 -11.13 29.16
CA ARG B 12 -28.82 -11.81 27.90
C ARG B 12 -29.76 -11.02 26.99
N ASN B 13 -30.64 -10.17 27.55
CA ASN B 13 -31.40 -9.23 26.73
C ASN B 13 -30.52 -8.13 26.12
N GLU B 14 -29.53 -7.64 26.87
CA GLU B 14 -28.57 -6.69 26.30
C GLU B 14 -27.68 -7.32 25.23
N GLU B 15 -27.20 -8.54 25.46
CA GLU B 15 -26.59 -9.36 24.41
C GLU B 15 -27.45 -9.60 23.16
N LYS B 16 -28.71 -10.01 23.31
CA LYS B 16 -29.75 -9.85 22.29
C LYS B 16 -29.81 -8.52 21.53
N ALA B 17 -29.84 -7.41 22.26
CA ALA B 17 -29.90 -6.09 21.61
C ALA B 17 -28.64 -5.76 20.81
N GLN B 18 -27.46 -5.96 21.40
CA GLN B 18 -26.20 -5.92 20.65
C GLN B 18 -26.15 -6.87 19.45
N ARG B 19 -26.78 -8.04 19.54
CA ARG B 19 -26.80 -8.95 18.39
C ARG B 19 -27.71 -8.45 17.28
N GLU B 20 -28.85 -7.87 17.63
CA GLU B 20 -29.77 -7.33 16.62
C GLU B 20 -29.17 -6.11 15.92
N ALA B 21 -28.54 -5.22 16.69
CA ALA B 21 -27.87 -4.06 16.12
C ALA B 21 -26.66 -4.45 15.28
N ASN B 22 -25.92 -5.49 15.70
CA ASN B 22 -24.84 -6.03 14.88
C ASN B 22 -25.33 -6.65 13.57
N LYS B 23 -26.49 -7.32 13.59
CA LYS B 23 -27.10 -7.80 12.35
C LYS B 23 -27.49 -6.67 11.40
N LYS B 24 -28.18 -5.64 11.91
CA LYS B 24 -28.59 -4.52 11.05
C LYS B 24 -27.40 -3.73 10.49
N ILE B 25 -26.34 -3.58 11.31
CA ILE B 25 -25.09 -3.00 10.84
C ILE B 25 -24.42 -3.87 9.78
N GLU B 26 -24.32 -5.19 10.00
CA GLU B 26 -23.64 -6.02 9.00
C GLU B 26 -24.46 -6.20 7.72
N LYS B 27 -25.77 -5.99 7.77
CA LYS B 27 -26.57 -5.83 6.56
C LYS B 27 -26.16 -4.57 5.79
N GLN B 28 -26.20 -3.41 6.48
CA GLN B 28 -25.82 -2.15 5.85
C GLN B 28 -24.38 -2.19 5.30
N LEU B 29 -23.46 -2.80 6.06
CA LEU B 29 -22.10 -3.09 5.60
C LEU B 29 -22.08 -3.90 4.31
N GLN B 30 -22.86 -4.97 4.21
CA GLN B 30 -22.82 -5.79 2.99
C GLN B 30 -23.36 -5.04 1.78
N LYS B 31 -24.40 -4.23 1.99
CA LYS B 31 -24.93 -3.38 0.91
C LYS B 31 -23.92 -2.32 0.45
N ASP B 32 -23.28 -1.64 1.39
CA ASP B 32 -22.21 -0.72 1.04
C ASP B 32 -20.94 -1.41 0.52
N LYS B 33 -20.70 -2.67 0.88
CA LYS B 33 -19.65 -3.45 0.23
C LYS B 33 -19.94 -3.68 -1.25
N GLN B 34 -21.17 -4.07 -1.58
CA GLN B 34 -21.63 -4.09 -2.98
C GLN B 34 -21.40 -2.76 -3.70
N VAL B 35 -21.82 -1.65 -3.07
CA VAL B 35 -21.74 -0.35 -3.74
C VAL B 35 -20.30 0.17 -3.80
N TYR B 36 -19.44 -0.24 -2.88
CA TYR B 36 -18.04 0.16 -2.88
C TYR B 36 -17.13 -0.73 -3.74
N ARG B 37 -17.53 -1.98 -4.02
CA ARG B 37 -16.88 -2.71 -5.09
C ARG B 37 -17.42 -2.37 -6.48
N ALA B 38 -18.62 -1.78 -6.57
CA ALA B 38 -19.02 -1.09 -7.80
C ALA B 38 -18.07 0.06 -8.16
N THR B 39 -17.61 0.81 -7.16
CA THR B 39 -16.98 2.11 -7.38
C THR B 39 -15.52 1.99 -7.83
N HIS B 40 -15.15 2.74 -8.88
CA HIS B 40 -13.77 2.82 -9.34
C HIS B 40 -13.19 4.22 -9.12
N ARG B 41 -11.98 4.28 -8.55
CA ARG B 41 -11.41 5.51 -8.01
C ARG B 41 -10.15 6.00 -8.74
N LEU B 42 -10.16 7.28 -9.09
CA LEU B 42 -9.30 7.90 -10.08
C LEU B 42 -8.72 9.14 -9.40
N LEU B 43 -7.41 9.14 -9.11
CA LEU B 43 -6.79 10.33 -8.54
C LEU B 43 -6.26 11.27 -9.62
N LEU B 44 -6.71 12.53 -9.62
CA LEU B 44 -6.39 13.47 -10.69
C LEU B 44 -5.29 14.43 -10.23
N LEU B 45 -4.09 14.26 -10.78
CA LEU B 45 -2.92 15.03 -10.40
C LEU B 45 -2.43 15.81 -11.61
N GLY B 46 -2.34 17.13 -11.47
CA GLY B 46 -1.72 17.95 -12.48
C GLY B 46 -1.19 19.24 -11.90
N ALA B 47 -0.19 19.82 -12.57
CA ALA B 47 0.42 21.05 -12.13
C ALA B 47 -0.54 22.23 -12.31
N GLY B 48 -0.16 23.38 -11.72
CA GLY B 48 -1.02 24.54 -11.77
C GLY B 48 -1.00 25.25 -13.11
N GLU B 49 0.09 25.13 -13.87
CA GLU B 49 0.13 25.64 -15.22
C GLU B 49 -0.80 24.85 -16.14
N SER B 50 -0.87 23.54 -15.93
CA SER B 50 -1.74 22.67 -16.72
C SER B 50 -3.21 22.97 -16.44
N GLY B 51 -4.02 22.94 -17.50
CA GLY B 51 -5.44 23.21 -17.39
C GLY B 51 -6.26 22.02 -16.92
N LYS B 52 -6.01 21.55 -15.69
CA LYS B 52 -6.80 20.47 -15.12
C LYS B 52 -8.15 20.95 -14.60
N SER B 53 -8.33 22.25 -14.37
CA SER B 53 -9.67 22.82 -14.29
C SER B 53 -10.43 22.73 -15.61
N THR B 54 -9.74 22.86 -16.74
CA THR B 54 -10.40 22.64 -18.02
C THR B 54 -10.77 21.18 -18.22
N ILE B 55 -9.91 20.27 -17.77
CA ILE B 55 -10.23 18.84 -17.85
C ILE B 55 -11.32 18.41 -16.86
N VAL B 56 -11.49 19.09 -15.70
CA VAL B 56 -12.65 18.78 -14.87
C VAL B 56 -13.94 19.35 -15.44
N LYS B 57 -13.94 20.60 -15.94
CA LYS B 57 -15.03 21.10 -16.77
C LYS B 57 -15.42 20.18 -17.93
N GLN B 58 -14.44 19.62 -18.65
CA GLN B 58 -14.73 18.57 -19.65
C GLN B 58 -15.35 17.32 -19.05
N MET B 59 -14.70 16.74 -18.02
CA MET B 59 -15.18 15.56 -17.32
C MET B 59 -16.60 15.68 -16.78
N ARG B 60 -16.99 16.86 -16.29
CA ARG B 60 -18.38 17.08 -15.89
C ARG B 60 -19.33 17.02 -17.07
N ILE B 61 -18.99 17.67 -18.18
CA ILE B 61 -19.84 17.64 -19.35
C ILE B 61 -19.43 16.51 -20.29
N THR B 203 -13.60 25.88 -1.62
CA THR B 203 -12.81 26.21 -0.44
C THR B 203 -12.28 24.94 0.22
N SER B 204 -12.94 23.81 -0.04
CA SER B 204 -12.55 22.54 0.56
C SER B 204 -11.23 22.05 -0.02
N GLY B 205 -10.62 21.11 0.70
CA GLY B 205 -9.32 20.60 0.33
C GLY B 205 -9.32 19.67 -0.86
N ILE B 206 -10.28 18.75 -0.89
CA ILE B 206 -10.42 17.79 -1.98
C ILE B 206 -11.77 18.01 -2.65
N PHE B 207 -11.77 18.02 -3.99
CA PHE B 207 -13.00 18.11 -4.77
C PHE B 207 -13.29 16.77 -5.44
N GLU B 208 -14.55 16.36 -5.45
CA GLU B 208 -14.90 15.00 -5.84
C GLU B 208 -15.88 15.07 -7.00
N THR B 209 -15.62 14.28 -8.04
CA THR B 209 -16.46 14.20 -9.22
C THR B 209 -16.97 12.78 -9.38
N LYS B 210 -18.27 12.62 -9.58
CA LYS B 210 -18.88 11.32 -9.82
C LYS B 210 -19.43 11.33 -11.24
N PHE B 211 -18.96 10.40 -12.06
CA PHE B 211 -19.59 10.15 -13.35
C PHE B 211 -19.66 8.66 -13.62
N GLN B 212 -20.59 8.26 -14.49
CA GLN B 212 -20.86 6.85 -14.74
C GLN B 212 -20.73 6.60 -16.24
N VAL B 213 -19.98 5.56 -16.59
CA VAL B 213 -19.80 5.15 -17.98
C VAL B 213 -20.23 3.71 -18.10
N ASP B 214 -21.22 3.46 -18.97
CA ASP B 214 -21.77 2.12 -19.26
C ASP B 214 -22.27 1.44 -17.99
N LYS B 215 -22.95 2.24 -17.15
CA LYS B 215 -23.43 1.85 -15.80
C LYS B 215 -22.29 1.36 -14.91
N VAL B 216 -21.13 2.03 -15.04
CA VAL B 216 -19.95 1.75 -14.22
C VAL B 216 -19.53 3.05 -13.55
N ASN B 217 -19.56 3.07 -12.22
CA ASN B 217 -19.42 4.32 -11.48
C ASN B 217 -17.96 4.66 -11.21
N PHE B 218 -17.62 5.93 -11.44
CA PHE B 218 -16.28 6.46 -11.32
C PHE B 218 -16.32 7.66 -10.38
N HIS B 219 -15.36 7.71 -9.47
CA HIS B 219 -15.10 8.89 -8.65
C HIS B 219 -13.69 9.37 -8.94
N MET B 220 -13.58 10.64 -9.31
CA MET B 220 -12.32 11.31 -9.60
C MET B 220 -12.07 12.31 -8.49
N PHE B 221 -10.95 12.15 -7.79
CA PHE B 221 -10.59 13.00 -6.68
C PHE B 221 -9.53 14.03 -7.11
N ASP B 222 -9.93 15.29 -7.09
CA ASP B 222 -9.14 16.43 -7.55
C ASP B 222 -8.53 17.05 -6.31
N VAL B 223 -7.20 17.00 -6.21
CA VAL B 223 -6.49 17.78 -5.20
C VAL B 223 -6.71 19.26 -5.44
N GLY B 224 -7.09 19.98 -4.40
CA GLY B 224 -7.41 21.39 -4.49
C GLY B 224 -6.55 22.26 -3.60
N ALA B 225 -7.16 22.88 -2.58
CA ALA B 225 -6.48 23.81 -1.68
C ALA B 225 -5.61 23.03 -0.69
N GLN B 226 -4.47 22.56 -1.21
CA GLN B 226 -3.52 21.77 -0.43
C GLN B 226 -2.14 22.41 -0.52
N ARG B 227 -1.24 21.91 0.31
CA ARG B 227 0.14 22.40 0.36
C ARG B 227 0.97 21.72 -0.73
N ASP B 228 2.04 22.42 -1.14
CA ASP B 228 2.92 21.91 -2.19
C ASP B 228 3.65 20.65 -1.77
N GLU B 229 3.99 20.51 -0.49
CA GLU B 229 4.61 19.29 0.02
C GLU B 229 3.58 18.17 0.02
N ARG B 230 3.76 17.20 -0.86
CA ARG B 230 2.69 16.28 -1.22
C ARG B 230 2.97 14.82 -0.88
N ARG B 231 4.06 14.53 -0.16
CA ARG B 231 4.42 13.12 0.03
C ARG B 231 3.60 12.45 1.13
N LYS B 232 3.30 13.16 2.23
CA LYS B 232 2.68 12.52 3.38
C LYS B 232 1.24 12.12 3.10
N TRP B 233 0.53 12.90 2.30
CA TRP B 233 -0.80 12.49 1.89
C TRP B 233 -0.83 11.73 0.57
N ILE B 234 0.32 11.46 -0.07
CA ILE B 234 0.23 10.64 -1.29
C ILE B 234 0.10 9.16 -0.94
N GLN B 235 0.35 8.79 0.31
CA GLN B 235 0.21 7.40 0.75
C GLN B 235 -1.24 6.94 0.70
N CYS B 236 -2.20 7.86 0.86
CA CYS B 236 -3.63 7.54 0.89
C CYS B 236 -4.10 6.87 -0.39
N PHE B 237 -3.56 7.30 -1.54
CA PHE B 237 -4.11 6.98 -2.85
C PHE B 237 -3.50 5.74 -3.49
N ASN B 238 -2.84 4.88 -2.71
CA ASN B 238 -2.53 3.56 -3.24
C ASN B 238 -3.77 2.70 -3.45
N ASP B 239 -4.82 2.89 -2.66
CA ASP B 239 -6.03 2.08 -2.78
C ASP B 239 -6.89 2.42 -4.01
N VAL B 240 -6.61 3.51 -4.72
CA VAL B 240 -7.45 3.93 -5.85
C VAL B 240 -7.23 2.97 -7.02
N THR B 241 -8.09 3.07 -8.03
CA THR B 241 -7.90 2.21 -9.20
C THR B 241 -6.76 2.72 -10.07
N ALA B 242 -6.70 4.03 -10.33
CA ALA B 242 -5.67 4.54 -11.24
C ALA B 242 -5.51 6.05 -11.12
N ILE B 243 -4.34 6.54 -11.51
CA ILE B 243 -3.93 7.90 -11.20
C ILE B 243 -3.72 8.61 -12.51
N ILE B 244 -4.52 9.65 -12.75
CA ILE B 244 -4.55 10.36 -14.02
C ILE B 244 -3.67 11.59 -13.84
N PHE B 245 -2.70 11.78 -14.71
CA PHE B 245 -1.67 12.79 -14.57
C PHE B 245 -1.72 13.65 -15.82
N VAL B 246 -1.88 14.96 -15.63
CA VAL B 246 -2.13 15.88 -16.74
C VAL B 246 -1.05 16.96 -16.75
N VAL B 247 -0.31 17.06 -17.85
CA VAL B 247 0.88 17.89 -17.91
C VAL B 247 0.80 18.81 -19.13
N ALA B 248 1.04 20.11 -18.90
CA ALA B 248 1.04 21.09 -19.97
C ALA B 248 2.33 21.01 -20.78
N SER B 249 2.31 21.66 -21.93
CA SER B 249 3.48 21.71 -22.82
C SER B 249 3.50 23.08 -23.50
N SER B 250 4.46 23.92 -23.12
CA SER B 250 4.58 25.28 -23.63
C SER B 250 5.96 25.45 -24.26
N SER B 251 6.00 25.60 -25.57
CA SER B 251 7.24 25.64 -26.33
C SER B 251 7.30 26.87 -27.23
N TYR B 252 7.07 28.05 -26.66
CA TYR B 252 7.10 29.28 -27.44
C TYR B 252 8.48 29.95 -27.38
N ASN B 260 6.03 31.84 -19.15
CA ASN B 260 7.00 30.76 -19.00
C ASN B 260 8.21 31.25 -18.22
N GLN B 261 8.04 31.38 -16.89
CA GLN B 261 9.15 31.74 -16.02
C GLN B 261 10.23 30.65 -15.96
N THR B 262 9.91 29.45 -15.48
CA THR B 262 10.86 28.38 -15.34
C THR B 262 10.43 27.18 -16.18
N ASN B 263 11.35 26.21 -16.31
CA ASN B 263 11.06 24.96 -16.99
C ASN B 263 10.06 24.15 -16.19
N ARG B 264 8.85 23.98 -16.75
CA ARG B 264 7.84 23.16 -16.10
C ARG B 264 7.86 21.72 -16.58
N LEU B 265 8.39 21.46 -17.78
CA LEU B 265 8.48 20.11 -18.32
C LEU B 265 9.38 19.24 -17.46
N GLN B 266 10.53 19.79 -17.04
CA GLN B 266 11.46 19.06 -16.18
C GLN B 266 10.82 18.75 -14.84
N GLU B 267 10.06 19.72 -14.30
CA GLU B 267 9.36 19.53 -13.02
C GLU B 267 8.34 18.41 -13.17
N ALA B 268 7.63 18.38 -14.30
CA ALA B 268 6.65 17.33 -14.57
C ALA B 268 7.32 15.96 -14.64
N LEU B 269 8.50 15.89 -15.30
CA LEU B 269 9.24 14.64 -15.40
C LEU B 269 9.69 14.16 -14.03
N ASN B 270 10.19 15.10 -13.20
CA ASN B 270 10.63 14.77 -11.85
C ASN B 270 9.49 14.28 -10.99
N LEU B 271 8.31 14.92 -11.12
CA LEU B 271 7.14 14.52 -10.35
C LEU B 271 6.67 13.14 -10.79
N PHE B 272 6.70 12.86 -12.11
CA PHE B 272 6.29 11.55 -12.60
C PHE B 272 7.25 10.47 -12.11
N LYS B 273 8.55 10.80 -12.07
CA LYS B 273 9.58 9.87 -11.57
C LYS B 273 9.35 9.56 -10.10
N SER B 274 9.01 10.60 -9.32
CA SER B 274 8.79 10.41 -7.89
C SER B 274 7.50 9.62 -7.63
N ILE B 275 6.45 9.85 -8.43
CA ILE B 275 5.27 9.00 -8.39
C ILE B 275 5.64 7.55 -8.69
N TRP B 276 6.56 7.35 -9.64
CA TRP B 276 6.75 6.03 -10.23
C TRP B 276 7.61 5.16 -9.31
N ASN B 277 8.75 5.68 -8.88
CA ASN B 277 9.67 4.97 -8.01
C ASN B 277 9.24 4.95 -6.54
N ASN B 278 8.09 5.53 -6.20
CA ASN B 278 7.60 5.48 -4.82
C ASN B 278 7.17 4.07 -4.47
N ARG B 279 7.53 3.63 -3.26
CA ARG B 279 7.27 2.27 -2.79
C ARG B 279 5.78 1.90 -2.81
N TRP B 280 4.96 2.71 -2.14
CA TRP B 280 3.54 2.38 -2.07
C TRP B 280 2.81 2.66 -3.38
N LEU B 281 3.37 3.49 -4.24
CA LEU B 281 2.80 3.77 -5.55
C LEU B 281 3.35 2.86 -6.64
N ARG B 282 3.89 1.68 -6.29
CA ARG B 282 4.32 0.73 -7.30
C ARG B 282 3.14 -0.03 -7.89
N THR B 283 2.17 -0.42 -7.07
CA THR B 283 1.05 -1.22 -7.55
C THR B 283 -0.03 -0.41 -8.25
N ILE B 284 0.16 0.91 -8.43
CA ILE B 284 -0.86 1.77 -9.00
C ILE B 284 -0.46 2.13 -10.43
N SER B 285 -1.42 2.08 -11.34
CA SER B 285 -1.16 2.49 -12.71
C SER B 285 -1.32 4.00 -12.84
N VAL B 286 -0.55 4.56 -13.78
CA VAL B 286 -0.55 5.99 -14.06
C VAL B 286 -0.93 6.20 -15.52
N ILE B 287 -1.83 7.15 -15.76
CA ILE B 287 -2.49 7.37 -17.04
C ILE B 287 -2.14 8.80 -17.40
N LEU B 288 -1.66 9.02 -18.62
CA LEU B 288 -0.95 10.25 -18.94
C LEU B 288 -1.70 11.06 -19.98
N PHE B 289 -1.84 12.36 -19.72
CA PHE B 289 -2.45 13.29 -20.66
C PHE B 289 -1.48 14.43 -20.91
N LEU B 290 -1.12 14.61 -22.18
CA LEU B 290 -0.18 15.62 -22.63
C LEU B 290 -1.01 16.76 -23.21
N ASN B 291 -1.35 17.73 -22.35
CA ASN B 291 -2.30 18.77 -22.72
C ASN B 291 -1.61 19.81 -23.60
N LYS B 292 -2.44 20.69 -24.19
CA LYS B 292 -2.02 21.86 -24.97
C LYS B 292 -1.22 21.45 -26.21
N GLN B 293 -1.76 20.49 -26.97
CA GLN B 293 -1.13 20.09 -28.22
C GLN B 293 -1.31 21.13 -29.30
N ASP B 294 -2.52 21.71 -29.39
CA ASP B 294 -2.79 22.79 -30.35
C ASP B 294 -1.85 23.97 -30.10
N LEU B 295 -1.58 24.27 -28.82
CA LEU B 295 -0.70 25.38 -28.50
C LEU B 295 0.73 25.06 -28.88
N LEU B 296 1.13 23.78 -28.75
CA LEU B 296 2.43 23.33 -29.22
C LEU B 296 2.58 23.56 -30.72
N ALA B 297 1.54 23.18 -31.49
CA ALA B 297 1.50 23.44 -32.93
C ALA B 297 1.66 24.93 -33.23
N GLU B 298 0.76 25.76 -32.68
CA GLU B 298 0.78 27.21 -32.88
C GLU B 298 2.08 27.88 -32.44
N LYS B 299 2.79 27.32 -31.44
CA LYS B 299 3.97 27.98 -30.89
C LYS B 299 5.29 27.56 -31.52
N VAL B 300 5.36 26.41 -32.21
CA VAL B 300 6.59 25.98 -32.88
C VAL B 300 7.03 27.01 -33.93
N LEU B 301 6.07 27.56 -34.67
CA LEU B 301 6.35 28.57 -35.69
C LEU B 301 6.56 29.93 -35.02
N ALA B 302 7.68 30.05 -34.31
CA ALA B 302 8.07 31.28 -33.64
C ALA B 302 9.50 31.69 -33.96
N GLY B 303 10.15 31.02 -34.92
CA GLY B 303 11.53 31.26 -35.25
C GLY B 303 12.54 30.60 -34.36
N LYS B 304 12.16 30.17 -33.15
CA LYS B 304 13.04 29.47 -32.24
C LYS B 304 12.25 28.40 -31.50
N SER B 305 12.95 27.37 -31.06
CA SER B 305 12.35 26.22 -30.38
C SER B 305 12.89 26.14 -28.96
N LYS B 306 11.98 26.08 -27.99
CA LYS B 306 12.39 25.99 -26.58
C LYS B 306 13.02 24.64 -26.26
N ILE B 307 12.41 23.56 -26.78
CA ILE B 307 12.74 22.20 -26.33
C ILE B 307 14.18 21.86 -26.69
N GLU B 308 14.67 22.32 -27.85
CA GLU B 308 16.00 21.91 -28.30
C GLU B 308 17.08 22.60 -27.47
N ASP B 309 16.80 23.84 -27.04
CA ASP B 309 17.57 24.52 -26.01
C ASP B 309 17.59 23.71 -24.71
N TYR B 310 16.42 23.53 -24.10
CA TYR B 310 16.29 22.67 -22.91
C TYR B 310 16.74 21.22 -23.10
N PHE B 311 16.68 20.66 -24.30
CA PHE B 311 17.09 19.27 -24.49
C PHE B 311 18.03 19.12 -25.68
N PRO B 312 19.31 18.79 -25.46
CA PRO B 312 20.21 18.55 -26.59
C PRO B 312 19.98 17.24 -27.29
N GLU B 313 19.29 16.28 -26.65
CA GLU B 313 18.93 15.02 -27.29
C GLU B 313 17.95 15.21 -28.45
N PHE B 314 17.20 16.32 -28.46
CA PHE B 314 16.14 16.51 -29.44
C PHE B 314 16.66 16.96 -30.80
N ALA B 315 17.87 17.55 -30.85
CA ALA B 315 18.57 17.69 -32.12
C ALA B 315 18.88 16.32 -32.74
N ARG B 316 19.28 15.35 -31.92
CA ARG B 316 19.59 14.00 -32.39
C ARG B 316 18.42 13.06 -32.11
N TYR B 317 17.33 13.30 -32.84
CA TYR B 317 16.12 12.52 -32.62
C TYR B 317 15.31 12.46 -33.91
N THR B 318 14.75 11.27 -34.19
CA THR B 318 13.98 10.99 -35.39
C THR B 318 12.63 10.42 -35.00
N THR B 319 11.60 10.77 -35.77
CA THR B 319 10.24 10.33 -35.50
C THR B 319 10.13 8.81 -35.67
N PRO B 320 9.49 8.11 -34.73
CA PRO B 320 9.40 6.64 -34.83
C PRO B 320 8.48 6.19 -35.95
N GLU B 321 8.89 5.11 -36.63
CA GLU B 321 8.18 4.66 -37.82
C GLU B 321 6.89 3.91 -37.49
N ASP B 322 6.81 3.30 -36.30
CA ASP B 322 5.61 2.56 -35.94
C ASP B 322 4.46 3.50 -35.59
N ALA B 323 4.77 4.65 -34.99
CA ALA B 323 3.75 5.63 -34.68
C ALA B 323 3.28 6.35 -35.94
N THR B 324 2.00 6.69 -35.97
CA THR B 324 1.36 7.27 -37.14
C THR B 324 0.83 8.66 -36.82
N PRO B 325 1.39 9.71 -37.41
CA PRO B 325 0.86 11.06 -37.14
C PRO B 325 -0.47 11.30 -37.84
N GLU B 326 -1.27 12.16 -37.21
CA GLU B 326 -2.56 12.55 -37.77
C GLU B 326 -2.36 13.52 -38.92
N PRO B 327 -3.25 13.51 -39.92
CA PRO B 327 -3.02 14.36 -41.10
C PRO B 327 -3.30 15.83 -40.82
N GLY B 328 -2.62 16.68 -41.59
CA GLY B 328 -2.66 18.11 -41.35
C GLY B 328 -1.74 18.57 -40.23
N GLU B 329 -0.67 17.82 -39.96
CA GLU B 329 0.24 18.13 -38.87
C GLU B 329 1.67 18.29 -39.40
N ASP B 330 2.43 19.14 -38.73
CA ASP B 330 3.82 19.40 -39.07
C ASP B 330 4.69 18.27 -38.54
N PRO B 331 5.54 17.66 -39.38
CA PRO B 331 6.54 16.68 -38.90
C PRO B 331 7.44 17.16 -37.77
N ARG B 332 7.74 18.45 -37.70
CA ARG B 332 8.46 19.01 -36.55
C ARG B 332 7.63 18.92 -35.27
N VAL B 333 6.40 19.45 -35.31
CA VAL B 333 5.51 19.44 -34.15
C VAL B 333 5.25 18.00 -33.67
N THR B 334 5.11 17.06 -34.62
CA THR B 334 4.95 15.66 -34.21
C THR B 334 6.24 15.04 -33.70
N ARG B 335 7.40 15.56 -34.14
CA ARG B 335 8.66 15.13 -33.53
C ARG B 335 8.72 15.57 -32.07
N ALA B 336 8.25 16.79 -31.80
CA ALA B 336 8.23 17.32 -30.44
C ALA B 336 7.31 16.48 -29.56
N LYS B 337 6.07 16.25 -30.04
CA LYS B 337 5.08 15.42 -29.35
C LYS B 337 5.66 14.06 -28.99
N TYR B 338 6.22 13.36 -29.99
CA TYR B 338 6.69 12.00 -29.77
C TYR B 338 7.92 11.99 -28.88
N PHE B 339 8.68 13.09 -28.82
CA PHE B 339 9.91 13.09 -28.04
C PHE B 339 9.62 13.33 -26.57
N ILE B 340 8.62 14.18 -26.28
CA ILE B 340 8.05 14.27 -24.93
C ILE B 340 7.50 12.91 -24.48
N ARG B 341 6.60 12.34 -25.29
CA ARG B 341 6.05 10.99 -25.06
C ARG B 341 7.16 9.95 -24.82
N ASP B 342 8.27 10.07 -25.55
CA ASP B 342 9.41 9.16 -25.35
C ASP B 342 10.10 9.42 -24.02
N GLU B 343 10.17 10.68 -23.60
CA GLU B 343 10.81 10.99 -22.31
C GLU B 343 10.04 10.31 -21.19
N PHE B 344 8.70 10.48 -21.19
CA PHE B 344 7.89 9.91 -20.12
C PHE B 344 7.86 8.38 -20.21
N LEU B 345 8.00 7.81 -21.41
CA LEU B 345 8.04 6.36 -21.47
C LEU B 345 9.40 5.78 -21.14
N ARG B 346 10.50 6.49 -21.41
CA ARG B 346 11.80 6.07 -20.89
C ARG B 346 11.85 6.12 -19.36
N ILE B 347 11.21 7.11 -18.75
CA ILE B 347 11.05 7.12 -17.28
C ILE B 347 10.18 5.96 -16.80
N SER B 348 9.15 5.59 -17.55
CA SER B 348 8.32 4.46 -17.10
C SER B 348 8.94 3.09 -17.38
N THR B 349 9.72 2.95 -18.45
CA THR B 349 10.40 1.71 -18.79
C THR B 349 11.70 1.49 -18.00
N ALA B 350 12.31 2.58 -17.49
CA ALA B 350 13.52 2.50 -16.66
C ALA B 350 13.36 1.56 -15.47
N SER B 351 12.25 1.68 -14.73
CA SER B 351 12.04 0.87 -13.54
C SER B 351 11.89 -0.61 -13.88
N GLY B 352 11.04 -0.93 -14.86
CA GLY B 352 10.94 -2.29 -15.35
C GLY B 352 10.30 -3.29 -14.40
N ASP B 353 9.42 -2.82 -13.50
CA ASP B 353 8.81 -3.71 -12.53
C ASP B 353 7.83 -4.67 -13.19
N GLY B 354 7.01 -4.17 -14.11
CA GLY B 354 6.01 -4.98 -14.77
C GLY B 354 4.69 -5.09 -14.04
N ARG B 355 4.53 -4.41 -12.91
CA ARG B 355 3.27 -4.39 -12.20
C ARG B 355 2.33 -3.30 -12.70
N HIS B 356 2.87 -2.21 -13.23
CA HIS B 356 2.06 -1.09 -13.66
C HIS B 356 2.71 -0.42 -14.86
N TYR B 357 1.87 0.13 -15.75
CA TYR B 357 2.31 0.69 -17.01
C TYR B 357 1.82 2.13 -17.12
N CYS B 358 2.25 2.82 -18.18
CA CYS B 358 1.95 4.24 -18.37
C CYS B 358 1.32 4.47 -19.73
N TYR B 359 0.07 4.96 -19.73
CA TYR B 359 -0.78 5.00 -20.90
C TYR B 359 -0.80 6.40 -21.50
N PRO B 360 -0.17 6.66 -22.64
CA PRO B 360 0.07 8.05 -23.02
C PRO B 360 -1.03 8.55 -23.96
N HIS B 361 -1.46 9.79 -23.79
CA HIS B 361 -2.54 10.34 -24.60
C HIS B 361 -2.24 11.76 -25.06
N PHE B 362 -2.63 12.06 -26.28
CA PHE B 362 -2.49 13.38 -26.87
C PHE B 362 -3.90 13.96 -26.97
N THR B 363 -4.16 15.01 -26.19
CA THR B 363 -5.50 15.55 -26.02
C THR B 363 -5.58 16.98 -26.53
N CYS B 364 -6.77 17.57 -26.43
CA CYS B 364 -7.01 18.93 -26.89
C CYS B 364 -7.39 19.82 -25.72
N SER B 365 -7.36 21.12 -25.98
CA SER B 365 -7.90 22.11 -25.04
C SER B 365 -9.38 21.86 -24.77
N VAL B 366 -10.19 21.89 -25.83
CA VAL B 366 -11.62 21.57 -25.74
C VAL B 366 -11.81 20.24 -26.45
N ASP B 367 -12.13 19.19 -25.69
CA ASP B 367 -12.30 17.87 -26.26
C ASP B 367 -13.35 17.12 -25.44
N THR B 368 -14.15 16.31 -26.13
CA THR B 368 -15.22 15.52 -25.51
C THR B 368 -14.80 14.09 -25.22
N GLU B 369 -13.87 13.55 -26.02
CA GLU B 369 -13.54 12.13 -26.05
C GLU B 369 -12.83 11.62 -24.79
N ASN B 370 -12.47 12.49 -23.84
CA ASN B 370 -11.56 12.13 -22.75
C ASN B 370 -12.15 11.06 -21.83
N ILE B 371 -13.47 11.08 -21.65
CA ILE B 371 -14.13 10.19 -20.69
C ILE B 371 -14.06 8.75 -21.20
N ARG B 372 -14.00 8.61 -22.53
CA ARG B 372 -14.03 7.30 -23.16
C ARG B 372 -12.63 6.72 -23.16
N ARG B 373 -11.63 7.60 -23.26
CA ARG B 373 -10.24 7.19 -23.15
C ARG B 373 -9.91 6.72 -21.74
N VAL B 374 -10.36 7.47 -20.73
CA VAL B 374 -10.24 7.00 -19.34
C VAL B 374 -11.04 5.72 -19.06
N PHE B 375 -12.14 5.49 -19.79
CA PHE B 375 -12.85 4.21 -19.68
C PHE B 375 -12.05 3.08 -20.34
N ASN B 376 -11.40 3.36 -21.46
CA ASN B 376 -10.66 2.33 -22.17
C ASN B 376 -9.41 1.96 -21.39
N ASP B 377 -8.73 2.96 -20.83
CA ASP B 377 -7.53 2.68 -20.06
C ASP B 377 -7.88 1.99 -18.73
N CYS B 378 -9.08 2.26 -18.18
CA CYS B 378 -9.55 1.45 -17.05
C CYS B 378 -9.74 -0.01 -17.44
N ARG B 379 -10.34 -0.26 -18.63
CA ARG B 379 -10.56 -1.64 -19.05
C ARG B 379 -9.24 -2.34 -19.32
N ASP B 380 -8.22 -1.57 -19.75
CA ASP B 380 -6.90 -2.14 -19.95
C ASP B 380 -6.22 -2.44 -18.63
N ILE B 381 -6.47 -1.61 -17.60
CA ILE B 381 -5.76 -1.79 -16.34
C ILE B 381 -6.31 -2.99 -15.59
N ILE B 382 -7.64 -3.17 -15.62
CA ILE B 382 -8.18 -4.35 -14.96
C ILE B 382 -8.02 -5.62 -15.80
N GLN B 383 -7.87 -5.52 -17.13
CA GLN B 383 -7.47 -6.70 -17.89
C GLN B 383 -6.03 -7.11 -17.60
N ARG B 384 -5.09 -6.15 -17.56
CA ARG B 384 -3.71 -6.50 -17.22
C ARG B 384 -3.59 -7.01 -15.79
N MET B 385 -4.42 -6.48 -14.87
CA MET B 385 -4.41 -6.99 -13.51
C MET B 385 -4.88 -8.45 -13.44
N HIS B 386 -5.90 -8.81 -14.23
CA HIS B 386 -6.33 -10.22 -14.25
C HIS B 386 -5.32 -11.12 -14.96
N LEU B 387 -4.66 -10.61 -16.01
CA LEU B 387 -3.58 -11.33 -16.67
C LEU B 387 -2.41 -11.58 -15.72
N ARG B 388 -2.01 -10.57 -14.94
CA ARG B 388 -1.00 -10.79 -13.91
C ARG B 388 -1.51 -11.82 -12.90
N GLN B 389 -2.79 -11.72 -12.54
CA GLN B 389 -3.32 -12.33 -11.33
C GLN B 389 -3.37 -13.85 -11.51
N TYR B 390 -3.71 -14.30 -12.72
CA TYR B 390 -3.66 -15.72 -13.03
C TYR B 390 -2.31 -16.16 -13.58
N GLU B 391 -1.28 -15.32 -13.45
CA GLU B 391 0.10 -15.58 -13.86
C GLU B 391 0.18 -15.95 -15.34
N LEU B 392 -0.60 -15.26 -16.16
CA LEU B 392 -0.51 -15.49 -17.60
C LEU B 392 0.69 -14.75 -18.19
N LEU B 393 0.77 -13.44 -17.98
CA LEU B 393 1.89 -12.65 -18.47
C LEU B 393 3.18 -12.99 -17.74
N GLU C 16 21.04 42.67 7.55
CA GLU C 16 19.72 42.41 8.14
C GLU C 16 19.53 40.92 8.44
N LEU C 17 19.29 40.14 7.38
CA LEU C 17 19.00 38.71 7.54
C LEU C 17 20.22 37.92 8.04
N ASP C 18 21.42 38.42 7.77
CA ASP C 18 22.63 37.65 8.03
C ASP C 18 23.08 37.77 9.48
N GLN C 19 23.04 38.98 10.04
CA GLN C 19 23.29 39.19 11.46
C GLN C 19 22.26 38.48 12.35
N LEU C 20 20.97 38.57 11.99
CA LEU C 20 19.93 37.70 12.56
C LEU C 20 20.25 36.21 12.50
N ARG C 21 20.62 35.68 11.33
CA ARG C 21 20.93 34.24 11.26
C ARG C 21 22.22 33.87 11.98
N GLN C 22 23.15 34.80 12.13
CA GLN C 22 24.35 34.57 12.94
C GLN C 22 24.06 34.55 14.43
N GLU C 23 23.24 35.51 14.90
CA GLU C 23 22.74 35.46 16.27
C GLU C 23 21.92 34.21 16.58
N ALA C 24 20.98 33.84 15.71
CA ALA C 24 20.37 32.50 15.74
C ALA C 24 21.34 31.33 15.83
N GLU C 25 22.46 31.38 15.09
CA GLU C 25 23.45 30.30 15.17
C GLU C 25 24.26 30.32 16.46
N GLN C 26 24.58 31.51 16.98
CA GLN C 26 25.21 31.60 18.29
C GLN C 26 24.29 31.21 19.46
N LEU C 27 23.01 31.59 19.41
CA LEU C 27 22.01 31.00 20.30
C LEU C 27 21.92 29.47 20.23
N LYS C 28 21.89 28.89 19.02
CA LYS C 28 21.85 27.43 18.92
C LYS C 28 23.15 26.75 19.36
N ASN C 29 24.29 27.42 19.23
CA ASN C 29 25.53 27.03 19.92
C ASN C 29 25.46 27.11 21.44
N GLN C 30 24.94 28.20 21.99
CA GLN C 30 24.58 28.26 23.42
C GLN C 30 23.69 27.13 23.92
N ILE C 31 22.57 26.87 23.24
CA ILE C 31 21.73 25.70 23.49
C ILE C 31 22.47 24.37 23.42
N ARG C 32 23.32 24.16 22.42
CA ARG C 32 24.06 22.90 22.39
C ARG C 32 25.29 22.83 23.31
N ASP C 33 25.79 23.97 23.79
CA ASP C 33 26.65 24.00 24.98
C ASP C 33 25.92 23.59 26.26
N ALA C 34 24.78 24.21 26.56
CA ALA C 34 23.83 23.71 27.54
C ALA C 34 23.58 22.20 27.48
N ARG C 35 23.18 21.68 26.30
CA ARG C 35 22.90 20.26 26.12
C ARG C 35 24.11 19.38 26.40
N LYS C 36 25.32 19.88 26.15
CA LYS C 36 26.49 19.02 26.31
C LYS C 36 27.05 19.10 27.72
N ALA C 37 26.94 20.27 28.37
CA ALA C 37 27.14 20.38 29.80
C ALA C 37 26.23 19.45 30.59
N CYS C 38 24.93 19.43 30.24
CA CYS C 38 23.96 18.59 30.96
C CYS C 38 24.28 17.09 30.86
N ALA C 39 24.91 16.65 29.79
CA ALA C 39 25.07 15.22 29.50
C ALA C 39 26.19 14.65 30.37
N ASP C 40 25.84 14.35 31.63
CA ASP C 40 26.84 13.80 32.55
C ASP C 40 27.12 12.33 32.26
N ALA C 41 26.09 11.56 31.91
CA ALA C 41 26.24 10.15 31.57
C ALA C 41 25.09 9.76 30.65
N THR C 42 25.06 8.48 30.29
CA THR C 42 23.98 7.93 29.49
C THR C 42 23.10 7.03 30.35
N LEU C 43 21.89 6.78 29.84
CA LEU C 43 20.89 6.00 30.55
C LEU C 43 21.15 4.49 30.48
N SER C 44 21.76 4.02 29.40
CA SER C 44 22.01 2.59 29.27
C SER C 44 23.20 2.07 30.08
N GLN C 45 24.23 2.90 30.30
CA GLN C 45 25.18 2.65 31.38
C GLN C 45 24.57 2.61 32.78
N ILE C 46 23.75 3.61 33.13
CA ILE C 46 22.82 3.55 34.27
C ILE C 46 21.98 2.26 34.35
N THR C 47 21.43 1.78 33.23
CA THR C 47 20.60 0.57 33.31
C THR C 47 21.37 -0.75 33.20
N ASN C 48 22.68 -0.78 33.47
CA ASN C 48 23.41 -2.02 33.21
C ASN C 48 23.14 -3.07 34.29
N ASN C 49 22.88 -2.65 35.53
CA ASN C 49 22.50 -3.58 36.59
C ASN C 49 20.98 -3.56 36.77
N ILE C 50 20.29 -3.98 35.71
CA ILE C 50 18.83 -4.02 35.65
C ILE C 50 18.42 -5.35 35.02
N ASP C 51 17.46 -6.03 35.63
CA ASP C 51 16.95 -7.32 35.17
C ASP C 51 16.34 -7.19 33.78
N PRO C 52 16.87 -7.88 32.76
CA PRO C 52 16.25 -7.85 31.43
C PRO C 52 14.90 -8.53 31.42
N VAL C 53 14.02 -8.02 30.55
CA VAL C 53 12.64 -8.49 30.51
C VAL C 53 12.55 -9.86 29.84
N GLY C 54 13.39 -10.14 28.86
CA GLY C 54 13.35 -11.42 28.17
C GLY C 54 12.30 -11.46 27.08
N ARG C 55 12.20 -12.64 26.46
CA ARG C 55 11.22 -12.87 25.40
C ARG C 55 9.79 -12.74 25.93
N ILE C 56 9.01 -11.91 25.27
CA ILE C 56 7.62 -11.62 25.66
C ILE C 56 6.72 -11.99 24.50
N GLN C 57 5.85 -12.96 24.70
CA GLN C 57 4.94 -13.43 23.67
C GLN C 57 3.55 -12.84 23.88
N MET C 58 2.95 -12.37 22.81
CA MET C 58 1.57 -11.90 22.80
C MET C 58 0.84 -12.58 21.66
N ARG C 59 -0.45 -12.87 21.88
CA ARG C 59 -1.22 -13.57 20.87
C ARG C 59 -2.46 -12.77 20.52
N THR C 60 -2.96 -13.02 19.31
CA THR C 60 -4.17 -12.45 18.73
C THR C 60 -5.43 -12.97 19.41
N ARG C 61 -5.86 -12.33 20.50
CA ARG C 61 -7.06 -12.79 21.19
C ARG C 61 -8.31 -12.64 20.32
N ARG C 62 -8.40 -11.51 19.61
CA ARG C 62 -9.55 -11.22 18.75
C ARG C 62 -9.03 -10.68 17.42
N THR C 63 -9.81 -10.89 16.37
CA THR C 63 -9.63 -10.17 15.11
C THR C 63 -10.93 -9.47 14.76
N LEU C 64 -10.86 -8.16 14.54
CA LEU C 64 -12.01 -7.40 14.07
C LEU C 64 -12.04 -7.38 12.55
N ARG C 65 -13.21 -7.60 11.98
CA ARG C 65 -13.36 -7.77 10.54
C ARG C 65 -14.42 -6.79 10.00
N GLY C 66 -14.85 -7.02 8.77
CA GLY C 66 -15.90 -6.21 8.18
C GLY C 66 -15.51 -4.82 7.74
N HIS C 67 -14.22 -4.49 7.73
CA HIS C 67 -13.75 -3.26 7.12
C HIS C 67 -13.45 -3.49 5.64
N LEU C 68 -13.82 -2.51 4.82
CA LEU C 68 -13.73 -2.63 3.37
C LEU C 68 -12.39 -2.12 2.85
N ALA C 69 -11.94 -0.97 3.34
CA ALA C 69 -10.71 -0.33 2.90
C ALA C 69 -9.71 -0.33 4.06
N LYS C 70 -8.57 0.32 3.85
CA LYS C 70 -7.49 0.28 4.82
C LYS C 70 -7.80 1.16 6.02
N ILE C 71 -7.36 0.69 7.19
CA ILE C 71 -7.70 1.31 8.47
C ILE C 71 -6.59 2.26 8.86
N TYR C 72 -6.89 3.56 8.83
CA TYR C 72 -5.82 4.55 8.94
C TYR C 72 -5.46 4.81 10.40
N ALA C 73 -6.46 5.14 11.23
CA ALA C 73 -6.20 5.54 12.60
C ALA C 73 -7.28 4.98 13.51
N MET C 74 -6.92 4.71 14.77
CA MET C 74 -7.88 4.24 15.76
C MET C 74 -7.47 4.68 17.15
N HIS C 75 -8.44 4.72 18.05
CA HIS C 75 -8.29 5.34 19.37
C HIS C 75 -9.15 4.59 20.37
N TRP C 76 -8.57 4.22 21.51
CA TRP C 76 -9.28 3.50 22.55
C TRP C 76 -10.13 4.42 23.42
N GLY C 77 -11.05 3.81 24.16
CA GLY C 77 -11.82 4.52 25.15
C GLY C 77 -11.16 4.53 26.51
N THR C 78 -11.74 5.31 27.42
CA THR C 78 -11.19 5.43 28.76
C THR C 78 -11.66 4.33 29.71
N ASP C 79 -12.72 3.61 29.38
CA ASP C 79 -13.12 2.44 30.12
C ASP C 79 -12.54 1.15 29.54
N SER C 80 -11.68 1.27 28.52
CA SER C 80 -11.02 0.17 27.82
C SER C 80 -12.02 -0.82 27.22
N ARG C 81 -13.17 -0.31 26.79
CA ARG C 81 -14.25 -1.15 26.27
C ARG C 81 -14.55 -0.88 24.80
N LEU C 82 -14.88 0.36 24.45
CA LEU C 82 -15.26 0.72 23.09
C LEU C 82 -14.06 1.35 22.40
N LEU C 83 -13.69 0.82 21.24
CA LEU C 83 -12.74 1.51 20.38
C LEU C 83 -13.42 2.12 19.15
N VAL C 84 -13.02 3.32 18.78
CA VAL C 84 -13.29 3.85 17.44
C VAL C 84 -12.22 3.38 16.46
N SER C 85 -12.64 2.90 15.29
CA SER C 85 -11.75 2.67 14.16
C SER C 85 -12.17 3.52 12.98
N ALA C 86 -11.17 4.10 12.30
CA ALA C 86 -11.37 4.96 11.13
C ALA C 86 -10.76 4.36 9.88
N SER C 87 -11.55 4.30 8.81
CA SER C 87 -11.25 3.51 7.62
C SER C 87 -11.32 4.44 6.41
N GLN C 88 -10.97 3.92 5.24
CA GLN C 88 -10.95 4.71 4.02
C GLN C 88 -12.14 4.43 3.11
N ASP C 89 -13.12 3.65 3.58
CA ASP C 89 -14.36 3.46 2.84
C ASP C 89 -15.44 4.47 3.21
N GLY C 90 -15.16 5.37 4.14
CA GLY C 90 -16.16 6.28 4.65
C GLY C 90 -16.92 5.78 5.85
N LYS C 91 -16.47 4.70 6.50
CA LYS C 91 -17.16 4.11 7.63
C LYS C 91 -16.30 4.25 8.87
N LEU C 92 -16.82 4.95 9.86
CA LEU C 92 -16.22 5.08 11.19
C LEU C 92 -16.95 4.16 12.16
N ILE C 93 -16.28 3.11 12.63
CA ILE C 93 -17.00 2.06 13.37
C ILE C 93 -16.57 2.13 14.83
N ILE C 94 -17.53 2.39 15.70
CA ILE C 94 -17.45 2.14 17.14
C ILE C 94 -17.63 0.66 17.45
N TRP C 95 -16.59 0.04 17.99
CA TRP C 95 -16.45 -1.39 18.22
C TRP C 95 -16.57 -1.62 19.73
N ASP C 96 -16.93 -2.85 20.07
CA ASP C 96 -16.63 -3.44 21.37
C ASP C 96 -15.54 -4.49 21.24
N SER C 97 -14.57 -4.42 22.14
CA SER C 97 -13.41 -5.31 22.14
C SER C 97 -13.69 -6.67 22.77
N TYR C 98 -14.70 -6.76 23.65
CA TYR C 98 -14.92 -8.01 24.37
C TYR C 98 -15.72 -9.01 23.53
N THR C 99 -16.81 -8.58 22.91
CA THR C 99 -17.73 -9.48 22.22
C THR C 99 -17.70 -9.28 20.71
N THR C 100 -16.73 -8.52 20.18
CA THR C 100 -16.56 -8.21 18.75
C THR C 100 -17.83 -7.65 18.11
N ASN C 101 -18.55 -6.82 18.86
CA ASN C 101 -19.78 -6.23 18.37
C ASN C 101 -19.53 -4.79 17.91
N LYS C 102 -20.10 -4.45 16.76
CA LYS C 102 -20.06 -3.10 16.22
C LYS C 102 -21.20 -2.32 16.85
N VAL C 103 -20.91 -1.59 17.93
CA VAL C 103 -21.98 -0.99 18.70
C VAL C 103 -22.46 0.31 18.04
N HIS C 104 -21.66 0.90 17.15
CA HIS C 104 -22.18 1.88 16.21
C HIS C 104 -21.35 1.87 14.93
N ALA C 105 -21.99 2.22 13.81
CA ALA C 105 -21.32 2.35 12.53
C ALA C 105 -21.79 3.63 11.87
N ILE C 106 -20.87 4.50 11.50
CA ILE C 106 -21.16 5.90 11.20
C ILE C 106 -20.71 6.17 9.77
N PRO C 107 -21.55 6.75 8.92
CA PRO C 107 -21.12 6.98 7.52
C PRO C 107 -20.65 8.42 7.33
N LEU C 108 -19.45 8.57 6.79
CA LEU C 108 -18.80 9.87 6.71
C LEU C 108 -19.13 10.55 5.38
N ARG C 109 -19.06 11.88 5.39
CA ARG C 109 -19.25 12.65 4.17
C ARG C 109 -18.09 12.43 3.20
N SER C 110 -16.89 12.82 3.61
CA SER C 110 -15.70 12.57 2.80
C SER C 110 -15.19 11.15 3.04
N SER C 111 -14.70 10.53 1.97
CA SER C 111 -14.24 9.15 2.07
C SER C 111 -12.81 9.03 2.58
N TRP C 112 -12.01 10.09 2.48
CA TRP C 112 -10.62 10.04 2.89
C TRP C 112 -10.51 10.52 4.34
N VAL C 113 -9.95 9.66 5.19
CA VAL C 113 -9.86 9.90 6.63
C VAL C 113 -8.41 9.75 7.04
N MET C 114 -7.92 10.64 7.91
CA MET C 114 -6.58 10.49 8.45
C MET C 114 -6.52 10.41 9.97
N THR C 115 -7.60 10.68 10.69
CA THR C 115 -7.59 10.56 12.14
C THR C 115 -9.00 10.39 12.68
N CYS C 116 -9.06 9.84 13.89
CA CYS C 116 -10.29 9.76 14.67
C CYS C 116 -9.93 9.90 16.14
N ALA C 117 -10.80 10.56 16.88
CA ALA C 117 -10.68 10.72 18.33
C ALA C 117 -11.96 10.24 18.98
N TYR C 118 -11.83 9.69 20.19
CA TYR C 118 -12.97 9.30 21.01
C TYR C 118 -12.88 10.01 22.35
N ALA C 119 -14.00 10.61 22.76
CA ALA C 119 -14.06 11.48 23.90
C ALA C 119 -13.88 10.69 25.21
N PRO C 120 -13.37 11.33 26.28
CA PRO C 120 -13.22 10.58 27.54
C PRO C 120 -14.53 10.23 28.20
N SER C 121 -15.54 11.10 28.10
CA SER C 121 -16.89 10.72 28.54
C SER C 121 -17.61 9.83 27.53
N GLY C 122 -17.05 9.65 26.33
CA GLY C 122 -17.67 8.82 25.32
C GLY C 122 -18.83 9.44 24.59
N ASN C 123 -19.12 10.73 24.83
CA ASN C 123 -20.28 11.35 24.20
C ASN C 123 -20.04 11.68 22.73
N TYR C 124 -18.82 12.04 22.37
CA TYR C 124 -18.52 12.43 21.00
C TYR C 124 -17.53 11.45 20.36
N VAL C 125 -17.56 11.39 19.03
CA VAL C 125 -16.41 10.96 18.23
C VAL C 125 -16.06 12.04 17.22
N ALA C 126 -14.78 12.33 17.07
CA ALA C 126 -14.33 13.27 16.05
C ALA C 126 -13.58 12.56 14.93
N CYS C 127 -13.76 13.03 13.70
CA CYS C 127 -13.13 12.43 12.54
C CYS C 127 -12.47 13.51 11.70
N GLY C 128 -11.35 13.17 11.08
CA GLY C 128 -10.63 14.08 10.21
C GLY C 128 -10.50 13.56 8.80
N GLY C 129 -9.73 14.27 7.97
CA GLY C 129 -9.45 13.77 6.63
C GLY C 129 -8.68 14.79 5.80
N LEU C 130 -8.79 14.63 4.48
CA LEU C 130 -8.08 15.49 3.54
C LEU C 130 -8.84 16.76 3.17
N ASP C 131 -10.10 16.88 3.58
CA ASP C 131 -10.91 18.05 3.25
C ASP C 131 -10.88 19.12 4.33
N ASN C 132 -9.81 19.13 5.15
CA ASN C 132 -9.46 20.13 6.19
C ASN C 132 -10.62 20.52 7.12
N ILE C 133 -11.54 19.58 7.36
CA ILE C 133 -12.70 19.81 8.22
C ILE C 133 -12.70 18.73 9.30
N CYS C 134 -12.76 19.16 10.56
CA CYS C 134 -12.87 18.24 11.69
C CYS C 134 -14.34 18.09 12.05
N SER C 135 -14.88 16.88 11.92
CA SER C 135 -16.31 16.70 12.10
C SER C 135 -16.55 15.94 13.40
N ILE C 136 -17.36 16.52 14.28
CA ILE C 136 -17.69 15.93 15.57
C ILE C 136 -19.10 15.37 15.49
N TYR C 137 -19.24 14.13 15.95
CA TYR C 137 -20.49 13.37 16.02
C TYR C 137 -20.90 13.18 17.46
N ASN C 138 -22.14 13.53 17.78
CA ASN C 138 -22.72 13.22 19.08
C ASN C 138 -23.22 11.78 19.09
N LEU C 139 -23.14 11.15 20.27
CA LEU C 139 -23.58 9.77 20.44
C LEU C 139 -24.73 9.65 21.43
N LYS C 140 -25.45 10.75 21.71
CA LYS C 140 -26.59 10.67 22.61
C LYS C 140 -27.74 9.91 21.97
N THR C 141 -28.03 10.21 20.69
CA THR C 141 -28.96 9.46 19.83
C THR C 141 -30.37 9.40 20.42
N ARG C 142 -30.89 10.58 20.77
CA ARG C 142 -32.27 10.67 21.27
C ARG C 142 -33.28 10.24 20.21
N GLU C 143 -33.02 10.58 18.95
CA GLU C 143 -33.81 10.01 17.86
C GLU C 143 -33.37 8.58 17.56
N GLY C 144 -32.10 8.27 17.81
CA GLY C 144 -31.53 6.98 17.53
C GLY C 144 -30.61 6.94 16.33
N ASN C 145 -30.60 8.00 15.52
CA ASN C 145 -29.70 8.10 14.37
C ASN C 145 -28.53 9.01 14.74
N VAL C 146 -27.31 8.50 14.52
CA VAL C 146 -26.13 9.34 14.67
C VAL C 146 -26.13 10.42 13.59
N ARG C 147 -25.79 11.64 13.99
CA ARG C 147 -25.80 12.79 13.11
C ARG C 147 -24.53 13.61 13.35
N VAL C 148 -24.19 14.45 12.39
CA VAL C 148 -23.00 15.28 12.51
C VAL C 148 -23.33 16.38 13.50
N SER C 149 -22.56 16.46 14.60
CA SER C 149 -22.92 17.46 15.60
C SER C 149 -22.34 18.82 15.24
N ARG C 150 -21.13 18.86 14.66
CA ARG C 150 -20.57 20.11 14.18
C ARG C 150 -19.41 19.83 13.22
N GLU C 151 -19.13 20.81 12.35
CA GLU C 151 -18.04 20.75 11.39
C GLU C 151 -17.16 21.97 11.63
N LEU C 152 -15.91 21.72 12.00
CA LEU C 152 -14.91 22.77 12.13
C LEU C 152 -14.12 22.92 10.83
N ALA C 153 -14.09 24.14 10.30
CA ALA C 153 -13.33 24.44 9.08
C ALA C 153 -12.58 25.75 9.29
N GLY C 154 -11.31 25.66 9.66
CA GLY C 154 -10.47 26.84 9.78
C GLY C 154 -9.04 26.59 9.36
N HIS C 155 -8.74 25.36 8.95
CA HIS C 155 -7.39 25.00 8.53
C HIS C 155 -7.29 25.01 7.01
N THR C 156 -6.09 25.35 6.52
CA THR C 156 -5.82 25.32 5.09
C THR C 156 -5.23 23.99 4.66
N GLY C 157 -4.19 23.52 5.35
CA GLY C 157 -3.65 22.20 5.11
C GLY C 157 -4.58 21.10 5.58
N TYR C 158 -4.26 19.88 5.15
CA TYR C 158 -5.04 18.70 5.52
C TYR C 158 -4.99 18.45 7.02
N LEU C 159 -6.09 17.96 7.58
CA LEU C 159 -6.15 17.67 9.00
C LEU C 159 -5.53 16.31 9.25
N SER C 160 -4.63 16.23 10.24
CA SER C 160 -3.71 15.10 10.34
C SER C 160 -3.98 14.24 11.56
N CYS C 161 -3.89 14.78 12.77
CA CYS C 161 -4.27 14.05 13.98
C CYS C 161 -4.93 15.00 14.97
N CYS C 162 -6.13 14.65 15.44
CA CYS C 162 -6.89 15.49 16.35
C CYS C 162 -7.32 14.70 17.58
N ARG C 163 -7.23 15.35 18.74
CA ARG C 163 -7.22 14.67 20.04
C ARG C 163 -8.05 15.50 21.03
N PHE C 164 -8.88 14.83 21.83
CA PHE C 164 -9.79 15.53 22.73
C PHE C 164 -9.13 15.78 24.07
N LEU C 165 -9.18 17.03 24.53
CA LEU C 165 -8.86 17.33 25.92
C LEU C 165 -10.02 16.96 26.84
N ASP C 166 -11.23 17.35 26.44
CA ASP C 166 -12.47 17.06 27.13
C ASP C 166 -13.60 17.18 26.11
N ASP C 167 -14.84 17.30 26.59
CA ASP C 167 -15.96 17.47 25.68
C ASP C 167 -16.13 18.92 25.21
N ASN C 168 -15.39 19.86 25.78
CA ASN C 168 -15.52 21.27 25.43
C ASN C 168 -14.44 21.74 24.46
N GLN C 169 -13.22 21.21 24.56
CA GLN C 169 -12.07 21.69 23.81
C GLN C 169 -11.44 20.53 23.04
N ILE C 170 -11.28 20.69 21.73
CA ILE C 170 -10.56 19.72 20.90
C ILE C 170 -9.34 20.39 20.28
N VAL C 171 -8.19 19.72 20.31
CA VAL C 171 -6.95 20.26 19.78
C VAL C 171 -6.66 19.55 18.45
N THR C 172 -6.30 20.31 17.42
CA THR C 172 -6.13 19.74 16.09
C THR C 172 -4.81 20.17 15.49
N SER C 173 -4.32 19.32 14.58
CA SER C 173 -3.06 19.48 13.87
C SER C 173 -3.31 19.55 12.36
N SER C 174 -3.17 20.74 11.79
CA SER C 174 -3.38 20.92 10.36
C SER C 174 -2.18 20.42 9.56
N GLY C 175 -2.25 20.59 8.25
CA GLY C 175 -1.15 20.32 7.36
C GLY C 175 -0.37 21.52 6.88
N ASP C 176 -0.80 22.75 7.23
CA ASP C 176 -0.08 23.95 6.86
C ASP C 176 0.83 24.45 7.98
N THR C 177 1.43 23.51 8.73
CA THR C 177 2.36 23.72 9.84
C THR C 177 1.71 24.41 11.05
N THR C 178 0.38 24.39 11.14
CA THR C 178 -0.35 25.07 12.21
C THR C 178 -1.06 24.04 13.08
N CYS C 179 -1.13 24.32 14.38
CA CYS C 179 -1.95 23.55 15.31
C CYS C 179 -2.85 24.53 16.06
N ALA C 180 -4.14 24.25 16.05
CA ALA C 180 -5.04 25.09 16.85
C ALA C 180 -5.69 24.36 18.02
N LEU C 181 -6.26 25.17 18.90
CA LEU C 181 -7.11 24.77 20.02
C LEU C 181 -8.56 25.21 19.80
N TRP C 182 -9.44 24.27 19.47
CA TRP C 182 -10.80 24.59 19.08
C TRP C 182 -11.64 24.56 20.34
N ASP C 183 -12.55 25.53 20.46
CA ASP C 183 -13.77 25.36 21.24
C ASP C 183 -14.91 24.92 20.33
N ILE C 184 -15.65 23.91 20.81
CA ILE C 184 -16.76 23.34 20.05
C ILE C 184 -18.00 24.23 20.16
N GLU C 185 -18.21 24.87 21.32
CA GLU C 185 -19.41 25.67 21.53
C GLU C 185 -19.42 26.92 20.67
N THR C 186 -18.34 27.72 20.74
CA THR C 186 -18.20 28.86 19.84
C THR C 186 -18.02 28.42 18.39
N GLY C 187 -17.40 27.25 18.18
CA GLY C 187 -17.04 26.82 16.84
C GLY C 187 -15.92 27.62 16.20
N GLN C 188 -15.16 28.36 17.00
CA GLN C 188 -14.03 29.15 16.55
C GLN C 188 -12.74 28.53 17.06
N GLN C 189 -11.63 29.22 16.77
CA GLN C 189 -10.31 28.79 17.21
C GLN C 189 -9.87 29.64 18.39
N THR C 190 -9.64 29.00 19.54
CA THR C 190 -9.34 29.73 20.76
C THR C 190 -7.91 30.28 20.69
N THR C 191 -6.96 29.41 20.35
CA THR C 191 -5.57 29.80 20.15
C THR C 191 -5.07 29.05 18.93
N THR C 192 -4.18 29.68 18.17
CA THR C 192 -3.58 29.08 17.00
C THR C 192 -2.08 29.33 17.05
N PHE C 193 -1.28 28.33 16.70
CA PHE C 193 0.16 28.58 16.65
C PHE C 193 0.82 27.87 15.48
N THR C 194 1.80 28.57 14.91
CA THR C 194 2.39 28.32 13.59
C THR C 194 3.91 28.16 13.69
N GLY C 195 4.41 27.68 14.82
CA GLY C 195 5.84 27.66 15.07
C GLY C 195 6.64 26.63 14.31
N HIS C 196 5.99 25.79 13.52
CA HIS C 196 6.63 24.74 12.75
C HIS C 196 7.07 25.26 11.39
N THR C 197 8.09 24.60 10.83
CA THR C 197 8.49 24.82 9.45
C THR C 197 8.09 23.67 8.53
N GLY C 198 7.92 22.47 9.09
CA GLY C 198 7.48 21.32 8.32
C GLY C 198 6.12 20.83 8.78
N ASP C 199 5.59 19.85 8.04
CA ASP C 199 4.20 19.44 8.21
C ASP C 199 4.02 18.66 9.51
N VAL C 200 3.06 19.10 10.31
CA VAL C 200 2.86 18.51 11.63
C VAL C 200 2.03 17.25 11.47
N MET C 201 2.60 16.11 11.86
CA MET C 201 1.92 14.83 11.62
C MET C 201 0.94 14.48 12.73
N SER C 202 1.41 14.40 13.97
CA SER C 202 0.53 13.97 15.05
C SER C 202 0.97 14.57 16.38
N LEU C 203 0.01 14.69 17.28
CA LEU C 203 0.22 15.30 18.59
C LEU C 203 -0.23 14.31 19.65
N SER C 204 0.39 14.40 20.81
CA SER C 204 0.18 13.45 21.91
C SER C 204 -0.04 14.21 23.21
N LEU C 205 -1.27 14.17 23.73
CA LEU C 205 -1.63 15.06 24.83
C LEU C 205 -1.06 14.50 26.13
N ALA C 206 -1.03 15.34 27.15
CA ALA C 206 -0.53 14.91 28.44
C ALA C 206 -1.64 14.25 29.25
N PRO C 207 -1.30 13.46 30.28
CA PRO C 207 -2.35 12.96 31.17
C PRO C 207 -2.90 14.05 32.08
N ASP C 208 -2.06 15.06 32.35
CA ASP C 208 -2.50 16.26 33.05
C ASP C 208 -3.12 17.28 32.10
N THR C 209 -2.94 17.10 30.79
CA THR C 209 -3.49 17.91 29.69
C THR C 209 -3.08 19.38 29.76
N ARG C 210 -2.02 19.72 30.49
CA ARG C 210 -1.53 21.09 30.49
C ARG C 210 -0.59 21.37 29.32
N LEU C 211 0.13 20.36 28.86
CA LEU C 211 1.04 20.48 27.73
C LEU C 211 0.63 19.46 26.68
N PHE C 212 1.10 19.65 25.44
CA PHE C 212 1.25 18.50 24.55
C PHE C 212 2.49 18.64 23.69
N VAL C 213 2.86 17.54 23.04
CA VAL C 213 4.04 17.48 22.17
C VAL C 213 3.56 17.20 20.75
N SER C 214 4.09 17.93 19.79
CA SER C 214 3.80 17.65 18.39
C SER C 214 5.06 17.33 17.61
N GLY C 215 4.94 16.33 16.73
CA GLY C 215 5.98 15.93 15.81
C GLY C 215 5.75 16.46 14.41
N ALA C 216 6.57 17.41 13.96
CA ALA C 216 6.46 17.87 12.58
C ALA C 216 7.27 16.99 11.63
N CYS C 217 7.48 17.48 10.41
CA CYS C 217 8.32 16.80 9.43
C CYS C 217 9.68 17.44 9.24
N ASP C 218 10.00 18.50 9.96
CA ASP C 218 11.32 19.10 9.92
C ASP C 218 12.28 18.49 10.95
N ALA C 219 11.94 17.31 11.48
CA ALA C 219 12.70 16.58 12.51
C ALA C 219 12.88 17.43 13.77
N SER C 220 11.78 18.06 14.21
CA SER C 220 11.80 18.88 15.42
C SER C 220 10.51 18.65 16.19
N ALA C 221 10.62 17.97 17.32
CA ALA C 221 9.51 17.81 18.23
C ALA C 221 9.35 19.04 19.11
N LYS C 222 8.11 19.50 19.28
CA LYS C 222 7.83 20.75 19.96
C LYS C 222 6.96 20.46 21.18
N LEU C 223 7.23 21.18 22.27
CA LEU C 223 6.43 21.10 23.49
C LEU C 223 5.62 22.37 23.73
N TRP C 224 4.29 22.25 23.66
CA TRP C 224 3.36 23.35 23.49
C TRP C 224 2.59 23.47 24.78
N ASP C 225 2.53 24.68 25.34
CA ASP C 225 1.58 24.98 26.40
C ASP C 225 0.22 25.32 25.79
N VAL C 226 -0.81 24.62 26.25
CA VAL C 226 -2.17 24.86 25.77
C VAL C 226 -2.67 26.21 26.25
N ARG C 227 -2.44 26.54 27.52
CA ARG C 227 -2.99 27.75 28.10
C ARG C 227 -2.19 28.99 27.67
N GLU C 228 -0.87 28.88 27.60
CA GLU C 228 -0.05 30.01 27.17
C GLU C 228 -0.16 30.24 25.67
N GLY C 229 -0.11 29.19 24.88
CA GLY C 229 -0.23 29.31 23.44
C GLY C 229 1.08 29.45 22.69
N MET C 230 2.21 29.10 23.29
CA MET C 230 3.50 29.10 22.61
C MET C 230 4.29 27.88 23.07
N CYS C 231 5.35 27.57 22.33
CA CYS C 231 6.19 26.44 22.70
C CYS C 231 7.08 26.80 23.87
N ARG C 232 7.42 25.79 24.67
CA ARG C 232 8.52 25.86 25.61
C ARG C 232 9.82 25.24 25.10
N GLN C 233 9.79 24.02 24.55
CA GLN C 233 11.01 23.33 24.16
C GLN C 233 10.95 22.81 22.74
N THR C 234 12.13 22.75 22.13
CA THR C 234 12.37 22.27 20.76
C THR C 234 13.42 21.17 20.79
N PHE C 235 13.12 20.04 20.15
CA PHE C 235 14.02 18.89 20.11
C PHE C 235 14.33 18.57 18.66
N THR C 236 15.62 18.48 18.34
CA THR C 236 16.11 18.30 16.97
C THR C 236 17.10 17.16 16.88
N GLY C 237 16.73 16.00 17.42
CA GLY C 237 17.61 14.85 17.42
C GLY C 237 17.43 13.87 16.28
N HIS C 238 16.39 14.05 15.47
CA HIS C 238 16.09 13.10 14.40
C HIS C 238 16.84 13.42 13.11
N GLU C 239 16.63 12.57 12.12
CA GLU C 239 17.23 12.73 10.79
C GLU C 239 16.21 12.74 9.67
N SER C 240 14.94 12.45 9.94
CA SER C 240 13.91 12.38 8.92
C SER C 240 12.58 12.78 9.55
N ASP C 241 11.47 12.43 8.89
CA ASP C 241 10.16 12.90 9.29
C ASP C 241 9.68 12.19 10.55
N ILE C 242 9.29 12.97 11.56
CA ILE C 242 8.74 12.42 12.80
C ILE C 242 7.29 12.02 12.54
N ASN C 243 7.03 10.72 12.46
CA ASN C 243 5.69 10.23 12.14
C ASN C 243 4.73 10.37 13.32
N ALA C 244 5.05 9.72 14.44
CA ALA C 244 4.16 9.77 15.59
C ALA C 244 4.95 9.98 16.88
N ILE C 245 4.26 10.54 17.88
CA ILE C 245 4.84 10.91 19.15
C ILE C 245 3.95 10.36 20.26
N CYS C 246 4.55 9.88 21.35
CA CYS C 246 3.78 9.43 22.52
C CYS C 246 4.40 9.82 23.86
N PHE C 247 3.60 10.33 24.78
CA PHE C 247 4.09 10.76 26.08
C PHE C 247 4.33 9.55 26.98
N PHE C 248 5.28 9.69 27.90
CA PHE C 248 5.48 8.72 28.95
C PHE C 248 4.31 8.84 29.93
N PRO C 249 3.97 7.76 30.66
CA PRO C 249 2.86 7.84 31.63
C PRO C 249 3.04 8.85 32.77
N ASN C 250 4.26 9.25 33.11
CA ASN C 250 4.40 10.30 34.13
C ASN C 250 4.27 11.70 33.57
N GLY C 251 4.30 11.85 32.24
CA GLY C 251 4.28 13.16 31.62
C GLY C 251 5.57 13.93 31.65
N ASN C 252 6.68 13.29 32.02
CA ASN C 252 7.99 13.95 32.08
C ASN C 252 8.92 13.50 30.96
N ALA C 253 8.42 12.74 29.98
CA ALA C 253 9.23 12.26 28.86
C ALA C 253 8.30 11.91 27.72
N PHE C 254 8.83 11.91 26.50
CA PHE C 254 8.07 11.36 25.38
C PHE C 254 8.94 10.50 24.50
N ALA C 255 8.30 9.66 23.68
CA ALA C 255 8.97 8.87 22.66
C ALA C 255 8.50 9.32 21.28
N THR C 256 9.39 9.17 20.29
CA THR C 256 9.12 9.57 18.92
C THR C 256 9.57 8.48 17.96
N GLY C 257 8.79 8.31 16.89
CA GLY C 257 9.14 7.39 15.82
C GLY C 257 9.36 8.17 14.54
N SER C 258 10.31 7.72 13.72
CA SER C 258 10.66 8.45 12.50
C SER C 258 10.75 7.54 11.29
N ASP C 259 11.24 8.07 10.18
CA ASP C 259 11.41 7.30 8.95
C ASP C 259 12.83 6.75 8.76
N ASP C 260 13.77 7.14 9.62
CA ASP C 260 15.12 6.60 9.57
C ASP C 260 15.29 5.33 10.39
N ALA C 261 14.17 4.64 10.70
CA ALA C 261 14.10 3.37 11.42
C ALA C 261 14.64 3.44 12.85
N THR C 262 14.75 4.64 13.42
CA THR C 262 15.23 4.82 14.78
C THR C 262 14.13 5.43 15.62
N CYS C 263 13.75 4.75 16.70
CA CYS C 263 12.92 5.37 17.72
C CYS C 263 13.78 6.13 18.70
N ARG C 264 13.24 7.20 19.26
CA ARG C 264 14.01 8.08 20.13
C ARG C 264 13.21 8.34 21.38
N LEU C 265 13.90 8.46 22.52
CA LEU C 265 13.26 8.88 23.75
C LEU C 265 13.85 10.20 24.22
N PHE C 266 12.96 11.11 24.64
CA PHE C 266 13.27 12.50 24.89
C PHE C 266 12.82 12.85 26.30
N ASP C 267 13.57 13.75 26.93
CA ASP C 267 13.25 14.26 28.26
C ASP C 267 12.93 15.74 28.19
N LEU C 268 11.90 16.13 28.94
CA LEU C 268 11.52 17.54 29.03
C LEU C 268 12.48 18.31 29.92
N ARG C 269 13.07 17.65 30.92
CA ARG C 269 13.94 18.34 31.87
C ARG C 269 15.40 18.37 31.42
N ALA C 270 15.88 17.29 30.79
CA ALA C 270 17.24 17.28 30.28
C ALA C 270 17.36 18.02 28.95
N ASP C 271 16.24 18.15 28.23
CA ASP C 271 16.09 18.91 26.98
C ASP C 271 16.96 18.31 25.86
N GLN C 272 17.13 16.99 25.88
CA GLN C 272 17.89 16.25 24.89
C GLN C 272 17.53 14.78 25.00
N GLU C 273 17.96 14.01 24.01
CA GLU C 273 17.49 12.64 23.85
C GLU C 273 18.19 11.70 24.83
N LEU C 274 17.40 10.86 25.51
CA LEU C 274 17.98 9.94 26.47
C LEU C 274 18.50 8.67 25.78
N MET C 275 17.67 8.06 24.94
CA MET C 275 17.96 6.75 24.38
C MET C 275 17.59 6.75 22.91
N THR C 276 18.34 5.97 22.12
CA THR C 276 18.06 5.76 20.71
C THR C 276 17.96 4.27 20.39
N TYR C 277 16.89 3.89 19.68
CA TYR C 277 16.46 2.52 19.49
C TYR C 277 16.61 2.24 18.00
N SER C 278 17.59 1.40 17.64
CA SER C 278 17.95 1.22 16.25
C SER C 278 18.51 -0.17 16.05
N HIS C 279 18.01 -0.87 15.04
CA HIS C 279 18.48 -2.20 14.69
C HIS C 279 18.90 -2.21 13.23
N ASP C 280 19.98 -2.93 12.93
CA ASP C 280 20.54 -2.90 11.58
C ASP C 280 19.66 -3.62 10.57
N ASN C 281 19.05 -4.74 10.97
CA ASN C 281 18.30 -5.57 10.03
C ASN C 281 17.01 -4.91 9.54
N ILE C 282 16.46 -3.96 10.28
CA ILE C 282 15.21 -3.31 9.91
C ILE C 282 15.51 -1.84 9.59
N ILE C 283 15.35 -1.48 8.32
CA ILE C 283 15.52 -0.11 7.85
C ILE C 283 14.19 0.52 7.47
N CYS C 284 13.07 -0.14 7.77
CA CYS C 284 11.76 0.36 7.41
C CYS C 284 11.28 1.42 8.40
N GLY C 285 10.31 2.23 7.95
CA GLY C 285 9.81 3.34 8.72
C GLY C 285 8.98 2.91 9.92
N ILE C 286 8.68 3.89 10.78
CA ILE C 286 8.03 3.65 12.06
C ILE C 286 6.76 4.48 12.12
N THR C 287 5.61 3.81 12.05
CA THR C 287 4.34 4.52 11.82
C THR C 287 3.87 5.16 13.12
N SER C 288 3.47 4.35 14.11
CA SER C 288 2.87 4.89 15.32
C SER C 288 3.32 4.10 16.54
N VAL C 289 3.67 4.83 17.60
CA VAL C 289 4.31 4.28 18.80
C VAL C 289 3.43 4.60 20.00
N SER C 290 3.08 3.57 20.79
CA SER C 290 2.36 3.78 22.04
C SER C 290 3.09 3.08 23.18
N PHE C 291 3.30 3.80 24.28
CA PHE C 291 3.80 3.18 25.51
C PHE C 291 2.80 2.19 26.10
N SER C 292 3.31 1.37 27.01
CA SER C 292 2.46 0.56 27.87
C SER C 292 2.04 1.37 29.09
N LYS C 293 1.35 0.72 30.03
CA LYS C 293 0.88 1.42 31.22
C LYS C 293 2.02 1.70 32.19
N SER C 294 2.88 0.71 32.42
CA SER C 294 4.01 0.89 33.33
C SER C 294 5.14 1.71 32.72
N GLY C 295 5.22 1.76 31.39
CA GLY C 295 6.26 2.50 30.72
C GLY C 295 7.49 1.71 30.37
N ARG C 296 7.59 0.45 30.81
CA ARG C 296 8.79 -0.33 30.57
C ARG C 296 8.85 -0.84 29.13
N LEU C 297 7.70 -1.19 28.55
CA LEU C 297 7.65 -1.59 27.15
C LEU C 297 7.29 -0.37 26.31
N LEU C 298 8.15 -0.03 25.35
CA LEU C 298 7.75 0.81 24.23
C LEU C 298 7.34 -0.06 23.05
N LEU C 299 6.17 0.23 22.49
CA LEU C 299 5.61 -0.63 21.45
C LEU C 299 5.61 0.12 20.13
N ALA C 300 6.12 -0.50 19.07
CA ALA C 300 6.48 0.23 17.86
C ALA C 300 5.83 -0.46 16.67
N GLY C 301 5.03 0.27 15.92
CA GLY C 301 4.51 -0.23 14.66
C GLY C 301 5.37 0.02 13.44
N TYR C 302 6.22 -0.95 13.09
CA TYR C 302 7.16 -0.77 12.00
C TYR C 302 6.44 -0.87 10.64
N ASP C 303 7.20 -0.63 9.57
CA ASP C 303 6.65 -0.66 8.22
C ASP C 303 6.83 -2.01 7.55
N ASP C 304 7.60 -2.92 8.14
CA ASP C 304 7.82 -4.26 7.58
C ASP C 304 6.93 -5.32 8.22
N PHE C 305 5.67 -4.93 8.48
CA PHE C 305 4.51 -5.81 8.71
C PHE C 305 4.47 -6.41 10.10
N ASN C 306 5.12 -5.81 11.10
CA ASN C 306 5.12 -6.36 12.45
C ASN C 306 5.22 -5.23 13.48
N CYS C 307 5.05 -5.60 14.75
CA CYS C 307 5.24 -4.65 15.85
C CYS C 307 6.41 -5.10 16.71
N ASN C 308 7.38 -4.21 16.91
CA ASN C 308 8.53 -4.50 17.76
C ASN C 308 8.36 -3.97 19.18
N VAL C 309 8.55 -4.86 20.15
CA VAL C 309 8.29 -4.55 21.55
C VAL C 309 9.66 -4.20 22.13
N TRP C 310 9.99 -2.91 22.12
CA TRP C 310 11.23 -2.44 22.71
C TRP C 310 11.13 -2.44 24.24
N ASP C 311 12.29 -2.60 24.87
CA ASP C 311 12.44 -2.34 26.29
C ASP C 311 12.92 -0.90 26.44
N ALA C 312 12.09 -0.06 27.06
CA ALA C 312 12.33 1.38 27.11
C ALA C 312 13.58 1.76 27.90
N LEU C 313 14.06 0.89 28.78
CA LEU C 313 15.25 1.17 29.56
C LEU C 313 16.46 0.35 29.14
N LYS C 314 16.28 -0.69 28.32
CA LYS C 314 17.39 -1.55 27.92
C LYS C 314 17.63 -1.59 26.43
N ALA C 315 16.73 -1.01 25.62
CA ALA C 315 16.88 -0.85 24.16
C ALA C 315 17.05 -2.19 23.44
N ASP C 316 16.28 -3.18 23.85
CA ASP C 316 16.36 -4.52 23.30
C ASP C 316 14.96 -5.00 22.93
N ARG C 317 14.85 -5.64 21.77
CA ARG C 317 13.59 -6.21 21.30
C ARG C 317 13.22 -7.42 22.16
N ALA C 318 12.24 -7.20 23.06
CA ALA C 318 11.53 -8.31 23.69
C ALA C 318 10.96 -9.28 22.65
N GLY C 319 10.22 -8.76 21.68
CA GLY C 319 9.22 -9.58 21.01
C GLY C 319 8.53 -8.95 19.82
N VAL C 320 8.02 -9.80 18.92
CA VAL C 320 7.71 -9.40 17.55
C VAL C 320 6.28 -9.85 17.25
N LEU C 321 5.42 -8.88 16.94
CA LEU C 321 4.03 -9.13 16.59
C LEU C 321 3.90 -9.14 15.06
N ALA C 322 4.30 -10.27 14.48
CA ALA C 322 4.24 -10.50 13.04
C ALA C 322 2.96 -11.24 12.67
N GLY C 323 1.83 -10.59 12.94
CA GLY C 323 0.54 -11.16 12.64
C GLY C 323 -0.21 -10.42 11.54
N HIS C 324 0.41 -9.38 11.00
CA HIS C 324 -0.23 -8.54 9.99
C HIS C 324 0.28 -8.89 8.59
N ASP C 325 -0.62 -8.79 7.62
CA ASP C 325 -0.27 -9.02 6.22
C ASP C 325 0.22 -7.75 5.53
N ASN C 326 -0.20 -6.58 6.01
CA ASN C 326 0.21 -5.31 5.42
C ASN C 326 0.75 -4.43 6.54
N ARG C 327 1.08 -3.18 6.25
CA ARG C 327 1.86 -2.36 7.17
C ARG C 327 1.02 -1.90 8.36
N VAL C 328 1.65 -1.85 9.53
CA VAL C 328 0.97 -1.57 10.80
C VAL C 328 0.72 -0.07 10.88
N SER C 329 -0.47 0.35 10.45
CA SER C 329 -0.75 1.77 10.25
C SER C 329 -0.82 2.54 11.56
N CYS C 330 -1.33 1.92 12.64
CA CYS C 330 -1.42 2.62 13.93
C CYS C 330 -1.71 1.65 15.06
N LEU C 331 -1.34 2.07 16.26
CA LEU C 331 -1.04 1.20 17.39
C LEU C 331 -1.61 1.87 18.64
N GLY C 332 -2.39 1.13 19.41
CA GLY C 332 -3.12 1.71 20.52
C GLY C 332 -3.04 0.82 21.74
N VAL C 333 -3.09 1.45 22.91
CA VAL C 333 -2.94 0.75 24.19
C VAL C 333 -4.01 1.27 25.13
N THR C 334 -4.68 0.34 25.83
CA THR C 334 -5.73 0.68 26.78
C THR C 334 -5.14 1.40 28.00
N ASP C 335 -6.02 2.04 28.78
CA ASP C 335 -5.57 2.80 29.93
C ASP C 335 -5.19 1.90 31.10
N ASP C 336 -5.81 0.73 31.23
CA ASP C 336 -5.43 -0.23 32.26
C ASP C 336 -4.35 -1.19 31.79
N GLY C 337 -3.82 -1.02 30.59
CA GLY C 337 -2.73 -1.84 30.10
C GLY C 337 -3.09 -3.26 29.73
N MET C 338 -4.38 -3.55 29.52
CA MET C 338 -4.82 -4.94 29.42
C MET C 338 -4.51 -5.55 28.06
N ALA C 339 -4.71 -4.82 26.97
CA ALA C 339 -4.46 -5.35 25.64
C ALA C 339 -3.99 -4.22 24.73
N VAL C 340 -3.47 -4.60 23.55
CA VAL C 340 -2.91 -3.65 22.61
C VAL C 340 -3.52 -3.89 21.23
N ALA C 341 -4.14 -2.87 20.66
CA ALA C 341 -4.91 -3.01 19.42
C ALA C 341 -4.14 -2.35 18.29
N THR C 342 -3.87 -3.09 17.22
CA THR C 342 -3.13 -2.57 16.10
C THR C 342 -4.01 -2.62 14.86
N GLY C 343 -4.06 -1.50 14.13
CA GLY C 343 -4.74 -1.39 12.86
C GLY C 343 -3.78 -1.27 11.70
N SER C 344 -3.91 -2.18 10.74
CA SER C 344 -3.07 -2.24 9.57
C SER C 344 -3.86 -1.83 8.33
N TRP C 345 -3.25 -2.00 7.16
CA TRP C 345 -3.89 -1.68 5.90
C TRP C 345 -4.51 -2.89 5.20
N ASP C 346 -4.54 -4.05 5.85
CA ASP C 346 -5.23 -5.20 5.30
C ASP C 346 -6.67 -5.32 5.81
N SER C 347 -7.18 -4.27 6.48
CA SER C 347 -8.51 -4.15 7.06
C SER C 347 -8.75 -5.12 8.21
N PHE C 348 -7.70 -5.62 8.85
CA PHE C 348 -7.84 -6.50 10.01
C PHE C 348 -7.24 -5.83 11.22
N LEU C 349 -8.08 -5.52 12.20
CA LEU C 349 -7.67 -4.94 13.46
C LEU C 349 -7.41 -6.06 14.46
N LYS C 350 -6.22 -6.11 15.03
CA LYS C 350 -5.86 -7.19 15.94
C LYS C 350 -5.88 -6.60 17.35
N ILE C 351 -6.56 -7.29 18.26
CA ILE C 351 -6.31 -7.17 19.69
C ILE C 351 -5.33 -8.22 20.23
N TRP C 352 -4.18 -7.75 20.71
CA TRP C 352 -3.03 -8.57 21.06
C TRP C 352 -2.98 -8.56 22.58
N ASN C 353 -2.82 -9.72 23.21
CA ASN C 353 -2.63 -9.74 24.65
C ASN C 353 -1.39 -10.56 25.02
N GLY C 354 -0.70 -10.10 26.06
CA GLY C 354 0.40 -10.86 26.64
C GLY C 354 -0.05 -12.11 27.36
N THR D 5 10.70 41.92 3.64
CA THR D 5 10.81 42.21 5.06
C THR D 5 10.09 41.14 5.88
N ALA D 6 9.64 40.09 5.20
CA ALA D 6 8.88 39.03 5.85
C ALA D 6 9.79 37.97 6.46
N SER D 7 10.65 37.38 5.63
CA SER D 7 11.81 36.58 6.04
C SER D 7 12.64 37.13 7.20
N ILE D 8 12.97 38.43 7.20
CA ILE D 8 13.69 38.98 8.34
C ILE D 8 12.81 39.10 9.59
N ALA D 9 11.49 39.25 9.44
CA ALA D 9 10.61 39.15 10.60
C ALA D 9 10.43 37.73 11.12
N GLN D 10 10.60 36.73 10.25
CA GLN D 10 10.63 35.35 10.72
C GLN D 10 11.97 34.97 11.34
N ALA D 11 13.07 35.48 10.79
CA ALA D 11 14.34 35.56 11.51
C ALA D 11 14.22 36.15 12.91
N ARG D 12 13.63 37.35 13.04
CA ARG D 12 13.48 37.98 14.36
C ARG D 12 12.53 37.25 15.30
N LYS D 13 11.55 36.51 14.76
CA LYS D 13 10.77 35.60 15.59
C LYS D 13 11.54 34.35 16.02
N LEU D 14 12.28 33.72 15.10
CA LEU D 14 13.27 32.69 15.45
C LEU D 14 14.27 33.12 16.53
N VAL D 15 14.91 34.28 16.37
CA VAL D 15 15.73 34.92 17.42
C VAL D 15 15.01 35.04 18.77
N GLU D 16 13.81 35.62 18.80
CA GLU D 16 13.06 35.70 20.06
C GLU D 16 12.68 34.33 20.63
N GLN D 17 12.33 33.39 19.76
CA GLN D 17 12.10 32.00 20.14
C GLN D 17 13.32 31.40 20.82
N LEU D 18 14.48 31.47 20.16
CA LEU D 18 15.70 30.88 20.73
C LEU D 18 16.14 31.60 22.00
N LYS D 19 15.76 32.87 22.17
CA LYS D 19 16.09 33.57 23.41
C LYS D 19 15.22 33.07 24.54
N MET D 20 13.95 32.79 24.27
CA MET D 20 13.08 32.21 25.28
C MET D 20 13.36 30.72 25.54
N GLU D 21 13.94 30.01 24.57
CA GLU D 21 14.23 28.59 24.70
C GLU D 21 15.58 28.29 25.33
N ALA D 22 16.61 29.10 25.04
CA ALA D 22 17.81 29.16 25.86
C ALA D 22 17.51 29.32 27.35
N ASN D 23 16.76 30.37 27.70
CA ASN D 23 16.59 30.76 29.10
C ASN D 23 15.54 29.88 29.80
N ILE D 24 15.91 28.62 30.01
CA ILE D 24 15.10 27.67 30.76
C ILE D 24 16.01 26.89 31.70
N ASP D 25 15.44 26.46 32.83
CA ASP D 25 16.17 25.59 33.74
C ASP D 25 16.32 24.20 33.15
N ARG D 26 17.45 23.56 33.42
CA ARG D 26 17.76 22.24 32.88
C ARG D 26 18.22 21.32 34.01
N ILE D 27 17.42 20.28 34.27
CA ILE D 27 17.78 19.25 35.24
C ILE D 27 18.77 18.30 34.60
N LYS D 28 19.75 17.83 35.37
CA LYS D 28 20.77 16.89 34.91
C LYS D 28 20.14 15.58 34.45
N VAL D 29 20.91 14.84 33.64
CA VAL D 29 20.41 13.61 33.00
C VAL D 29 20.12 12.54 34.04
N SER D 30 20.98 12.42 35.06
CA SER D 30 21.04 11.19 35.84
C SER D 30 19.93 11.13 36.87
N LYS D 31 19.52 12.29 37.38
CA LYS D 31 18.42 12.34 38.35
C LYS D 31 17.08 12.08 37.68
N ALA D 32 16.87 12.68 36.50
CA ALA D 32 15.79 12.32 35.58
C ALA D 32 15.74 10.82 35.29
N ALA D 33 16.86 10.24 34.84
CA ALA D 33 17.04 8.79 34.73
C ALA D 33 16.53 8.05 35.96
N ALA D 34 16.98 8.49 37.15
CA ALA D 34 16.71 7.76 38.38
C ALA D 34 15.22 7.82 38.70
N ASP D 35 14.59 8.95 38.38
CA ASP D 35 13.16 9.16 38.54
C ASP D 35 12.36 8.23 37.63
N LEU D 36 12.71 8.23 36.34
CA LEU D 36 12.18 7.25 35.37
C LEU D 36 12.27 5.81 35.86
N MET D 37 13.48 5.30 36.10
CA MET D 37 13.70 3.99 36.72
C MET D 37 12.82 3.74 37.96
N ALA D 38 12.71 4.74 38.82
CA ALA D 38 11.88 4.65 40.03
C ALA D 38 10.42 4.42 39.68
N TYR D 39 9.91 5.15 38.68
CA TYR D 39 8.52 5.05 38.30
C TYR D 39 8.23 3.76 37.55
N CYS D 40 9.21 3.25 36.80
CA CYS D 40 9.02 1.96 36.13
C CYS D 40 9.15 0.80 37.10
N GLU D 41 9.94 0.97 38.16
CA GLU D 41 10.03 -0.03 39.22
C GLU D 41 8.74 -0.10 40.04
N ALA D 42 8.25 1.06 40.49
CA ALA D 42 7.03 1.17 41.30
C ALA D 42 5.82 0.51 40.66
N HIS D 43 5.53 0.84 39.40
CA HIS D 43 4.32 0.39 38.73
C HIS D 43 4.53 -0.83 37.85
N ALA D 44 5.59 -1.60 38.10
CA ALA D 44 5.87 -2.76 37.26
C ALA D 44 4.87 -3.89 37.50
N LYS D 45 4.46 -4.11 38.74
CA LYS D 45 3.59 -5.22 39.07
C LYS D 45 2.13 -4.99 38.71
N GLU D 46 1.76 -3.76 38.37
CA GLU D 46 0.40 -3.46 37.93
C GLU D 46 0.23 -3.52 36.42
N ASP D 47 1.25 -3.92 35.69
CA ASP D 47 1.20 -3.95 34.23
C ASP D 47 0.74 -5.32 33.77
N PRO D 48 -0.39 -5.43 33.06
CA PRO D 48 -0.77 -6.74 32.50
C PRO D 48 0.11 -7.21 31.36
N LEU D 49 0.83 -6.30 30.69
CA LEU D 49 1.70 -6.69 29.59
C LEU D 49 3.05 -7.19 30.10
N LEU D 50 3.59 -6.55 31.14
CA LEU D 50 4.85 -6.99 31.72
C LEU D 50 4.67 -8.23 32.58
N THR D 51 3.62 -8.26 33.40
CA THR D 51 3.33 -9.38 34.28
C THR D 51 2.10 -10.11 33.74
N PRO D 52 2.21 -11.39 33.37
CA PRO D 52 1.06 -12.12 32.82
C PRO D 52 -0.07 -12.28 33.81
N VAL D 53 -1.29 -12.37 33.28
CA VAL D 53 -2.51 -12.38 34.07
C VAL D 53 -3.07 -13.80 34.04
N PRO D 54 -3.63 -14.31 35.14
CA PRO D 54 -4.40 -15.57 35.07
C PRO D 54 -5.64 -15.40 34.22
N ALA D 55 -6.02 -16.50 33.53
CA ALA D 55 -7.05 -16.44 32.50
C ALA D 55 -8.43 -16.17 33.07
N SER D 56 -8.68 -16.55 34.33
CA SER D 56 -9.94 -16.19 34.97
C SER D 56 -9.99 -14.70 35.29
N GLU D 57 -8.87 -14.13 35.74
CA GLU D 57 -8.79 -12.70 35.97
C GLU D 57 -8.82 -11.91 34.67
N ASN D 58 -8.27 -12.48 33.60
CA ASN D 58 -8.20 -11.81 32.31
C ASN D 58 -9.59 -11.67 31.71
N PRO D 59 -10.03 -10.46 31.37
CA PRO D 59 -11.35 -10.32 30.74
C PRO D 59 -11.38 -10.81 29.29
N PHE D 60 -10.24 -10.77 28.61
CA PHE D 60 -10.19 -11.30 27.25
C PHE D 60 -10.14 -12.82 27.22
N ARG D 61 -9.63 -13.45 28.27
CA ARG D 61 -9.70 -14.90 28.40
C ARG D 61 -10.77 -15.30 29.41
N GLN E 2 20.73 17.09 14.49
CA GLN E 2 20.12 18.17 13.71
C GLN E 2 20.61 18.15 12.26
N VAL E 3 19.68 17.93 11.34
CA VAL E 3 19.97 17.92 9.90
C VAL E 3 20.37 19.32 9.46
N GLN E 4 21.62 19.49 9.05
CA GLN E 4 22.09 20.82 8.67
C GLN E 4 23.11 20.73 7.53
N LEU E 5 23.02 21.71 6.65
CA LEU E 5 23.61 21.66 5.32
C LEU E 5 24.34 22.98 5.14
N GLN E 6 25.58 22.94 4.68
CA GLN E 6 26.35 24.18 4.57
C GLN E 6 27.08 24.27 3.24
N GLU E 7 26.55 25.10 2.35
CA GLU E 7 27.07 25.31 1.01
C GLU E 7 28.19 26.35 1.07
N SER E 8 29.03 26.35 0.04
CA SER E 8 30.38 26.89 0.19
C SER E 8 30.97 27.07 -1.20
N GLY E 9 31.63 28.21 -1.40
CA GLY E 9 32.04 28.62 -2.73
C GLY E 9 30.90 29.28 -3.49
N GLY E 10 31.28 30.06 -4.50
CA GLY E 10 30.31 30.80 -5.28
C GLY E 10 30.77 32.20 -5.61
N GLY E 11 29.84 33.14 -5.67
CA GLY E 11 30.25 34.52 -5.88
C GLY E 11 30.22 34.97 -7.33
N LEU E 12 30.73 36.19 -7.51
CA LEU E 12 30.77 36.87 -8.79
C LEU E 12 31.90 36.30 -9.65
N VAL E 13 31.55 35.67 -10.78
CA VAL E 13 32.49 34.97 -11.63
C VAL E 13 32.32 35.48 -13.06
N GLN E 14 33.09 34.89 -13.98
CA GLN E 14 33.12 35.26 -15.39
C GLN E 14 32.58 34.12 -16.25
N PRO E 15 32.00 34.40 -17.42
CA PRO E 15 31.53 33.31 -18.29
C PRO E 15 32.69 32.52 -18.88
N GLY E 16 32.49 31.21 -19.00
CA GLY E 16 33.53 30.30 -19.42
C GLY E 16 34.47 29.83 -18.34
N GLY E 17 34.43 30.44 -17.16
CA GLY E 17 35.29 30.05 -16.05
C GLY E 17 34.90 28.71 -15.43
N SER E 18 35.58 28.41 -14.33
CA SER E 18 35.37 27.18 -13.57
C SER E 18 35.09 27.52 -12.12
N LEU E 19 34.19 26.77 -11.48
CA LEU E 19 33.91 27.00 -10.07
C LEU E 19 33.47 25.72 -9.38
N ARG E 20 33.97 25.52 -8.16
CA ARG E 20 33.50 24.44 -7.31
C ARG E 20 32.48 24.96 -6.30
N LEU E 21 31.41 24.19 -6.09
CA LEU E 21 30.53 24.33 -4.95
C LEU E 21 30.77 23.17 -3.99
N SER E 22 30.75 23.44 -2.70
CA SER E 22 30.77 22.42 -1.67
C SER E 22 29.51 22.44 -0.82
N CYS E 23 29.12 21.25 -0.36
CA CYS E 23 28.00 21.05 0.56
C CYS E 23 28.58 20.18 1.66
N ALA E 24 28.72 20.73 2.87
CA ALA E 24 28.96 19.95 4.08
C ALA E 24 27.66 19.48 4.73
N ALA E 25 27.50 18.16 4.81
CA ALA E 25 26.26 17.49 5.24
C ALA E 25 26.48 17.05 6.68
N SER E 26 26.02 17.84 7.65
CA SER E 26 26.21 17.52 9.05
C SER E 26 24.91 17.10 9.71
N GLY E 27 25.02 16.19 10.68
CA GLY E 27 23.92 15.82 11.55
C GLY E 27 23.13 14.59 11.17
N PHE E 28 23.63 13.78 10.24
CA PHE E 28 22.98 12.52 9.88
C PHE E 28 24.01 11.57 9.30
N THR E 29 23.55 10.38 8.90
CA THR E 29 24.38 9.41 8.22
C THR E 29 24.31 9.66 6.72
N PHE E 30 25.47 9.88 6.10
CA PHE E 30 25.52 10.42 4.75
C PHE E 30 25.21 9.38 3.67
N SER E 31 25.58 8.12 3.89
CA SER E 31 25.45 7.11 2.84
C SER E 31 24.01 6.68 2.60
N ASN E 32 23.12 6.90 3.58
CA ASN E 32 21.75 6.38 3.47
C ASN E 32 20.90 7.16 2.48
N TYR E 33 21.21 8.43 2.24
CA TYR E 33 20.27 9.35 1.63
C TYR E 33 20.69 9.75 0.22
N LYS E 34 19.76 9.62 -0.72
CA LYS E 34 19.88 10.23 -2.04
C LYS E 34 19.90 11.76 -1.91
N MET E 35 20.87 12.39 -2.56
CA MET E 35 21.15 13.81 -2.33
C MET E 35 21.20 14.53 -3.68
N ASN E 36 20.99 15.86 -3.67
CA ASN E 36 20.64 16.54 -4.91
C ASN E 36 21.02 18.02 -4.81
N TRP E 37 21.21 18.64 -5.99
CA TRP E 37 21.37 20.08 -6.13
C TRP E 37 20.27 20.73 -6.97
N VAL E 38 19.87 21.93 -6.52
CA VAL E 38 18.61 22.60 -6.82
C VAL E 38 18.97 24.10 -6.89
N ARG E 39 18.51 24.82 -7.91
CA ARG E 39 18.90 26.22 -7.99
C ARG E 39 17.72 27.10 -8.34
N GLN E 40 17.90 28.40 -8.09
CA GLN E 40 16.78 29.33 -7.98
C GLN E 40 17.17 30.64 -8.67
N ALA E 41 16.48 30.95 -9.76
CA ALA E 41 16.75 32.13 -10.55
C ALA E 41 16.10 33.34 -9.88
N PRO E 42 16.59 34.56 -10.16
CA PRO E 42 15.93 35.76 -9.64
C PRO E 42 14.55 35.96 -10.25
N GLY E 43 13.56 36.13 -9.37
CA GLY E 43 12.16 36.23 -9.77
C GLY E 43 11.63 35.04 -10.54
N LYS E 44 12.12 33.84 -10.21
CA LYS E 44 11.64 32.60 -10.83
C LYS E 44 11.60 31.52 -9.75
N GLY E 45 11.26 30.30 -10.17
CA GLY E 45 11.08 29.20 -9.25
C GLY E 45 12.33 28.33 -9.11
N LEU E 46 12.20 27.33 -8.24
CA LEU E 46 13.24 26.32 -8.07
C LEU E 46 13.23 25.37 -9.25
N GLU E 47 14.41 25.04 -9.77
CA GLU E 47 14.51 23.96 -10.74
C GLU E 47 15.64 22.98 -10.44
N TRP E 48 15.32 21.70 -10.58
CA TRP E 48 16.13 20.55 -10.20
C TRP E 48 17.33 20.49 -11.14
N VAL E 49 18.50 20.97 -10.70
CA VAL E 49 19.74 20.73 -11.46
C VAL E 49 20.04 19.24 -11.61
N SER E 50 20.17 18.51 -10.50
CA SER E 50 20.75 17.15 -10.60
C SER E 50 20.76 16.45 -9.24
N ASP E 51 21.14 15.16 -9.29
CA ASP E 51 20.74 14.13 -8.35
C ASP E 51 21.90 13.14 -8.24
N ILE E 52 21.96 12.42 -7.12
CA ILE E 52 22.94 11.35 -6.94
C ILE E 52 22.45 10.39 -5.85
N SER E 53 22.57 9.10 -6.13
CA SER E 53 22.03 8.04 -5.27
C SER E 53 22.95 7.76 -4.10
N GLN E 54 22.64 6.69 -3.37
CA GLN E 54 23.39 6.31 -2.18
C GLN E 54 24.82 5.91 -2.51
N SER E 55 24.98 4.85 -3.33
CA SER E 55 26.29 4.41 -3.75
C SER E 55 26.95 5.40 -4.70
N GLY E 56 26.16 6.20 -5.42
CA GLY E 56 26.69 7.13 -6.38
C GLY E 56 26.82 6.62 -7.79
N ALA E 57 26.24 5.45 -8.08
CA ALA E 57 26.39 4.84 -9.41
C ALA E 57 25.59 5.60 -10.46
N SER E 58 24.32 5.88 -10.18
CA SER E 58 23.41 6.47 -11.16
C SER E 58 23.38 7.98 -10.99
N ILE E 59 23.60 8.69 -12.09
CA ILE E 59 23.63 10.15 -12.11
C ILE E 59 22.88 10.63 -13.34
N SER E 60 21.90 11.51 -13.13
CA SER E 60 21.20 12.20 -14.21
C SER E 60 21.35 13.70 -14.04
N TYR E 61 21.00 14.44 -15.09
CA TYR E 61 21.08 15.90 -15.07
C TYR E 61 19.81 16.48 -15.69
N THR E 62 19.73 17.80 -15.68
CA THR E 62 18.77 18.55 -16.47
C THR E 62 19.42 18.82 -17.82
N GLY E 63 18.62 18.68 -18.89
CA GLY E 63 19.16 18.67 -20.24
C GLY E 63 19.86 19.96 -20.64
N SER E 64 19.31 21.11 -20.21
CA SER E 64 19.73 22.41 -20.75
C SER E 64 21.13 22.79 -20.29
N VAL E 65 21.63 22.13 -19.24
CA VAL E 65 22.98 22.28 -18.73
C VAL E 65 23.73 20.95 -18.67
N LYS E 66 23.23 19.93 -19.36
CA LYS E 66 23.77 18.57 -19.26
C LYS E 66 25.18 18.49 -19.84
N GLY E 67 26.01 17.63 -19.25
CA GLY E 67 27.39 17.47 -19.64
C GLY E 67 28.33 18.55 -19.16
N ARG E 68 27.81 19.57 -18.47
CA ARG E 68 28.61 20.70 -18.03
C ARG E 68 28.97 20.67 -16.56
N PHE E 69 28.45 19.73 -15.77
CA PHE E 69 28.67 19.76 -14.33
C PHE E 69 28.94 18.38 -13.78
N THR E 70 29.90 18.31 -12.85
CA THR E 70 30.34 17.05 -12.27
C THR E 70 29.88 17.01 -10.81
N ILE E 71 29.19 15.94 -10.41
CA ILE E 71 28.73 15.82 -9.04
C ILE E 71 29.47 14.68 -8.34
N SER E 72 30.41 15.04 -7.48
CA SER E 72 31.15 14.11 -6.62
C SER E 72 30.61 14.13 -5.19
N ARG E 73 30.11 13.00 -4.70
CA ARG E 73 29.93 12.85 -3.26
C ARG E 73 31.03 11.94 -2.73
N ASP E 74 31.78 12.43 -1.73
CA ASP E 74 32.55 11.53 -0.88
C ASP E 74 31.72 11.05 0.31
N ASN E 75 31.71 9.74 0.54
CA ASN E 75 31.13 9.21 1.77
C ASN E 75 32.07 9.40 2.95
N ALA E 76 33.37 9.23 2.74
CA ALA E 76 34.35 9.35 3.82
C ALA E 76 34.49 10.80 4.28
N LYS E 77 34.83 11.71 3.35
CA LYS E 77 34.96 13.13 3.69
C LYS E 77 33.63 13.78 4.04
N ASN E 78 32.51 13.17 3.66
CA ASN E 78 31.14 13.63 3.97
C ASN E 78 30.89 15.01 3.36
N THR E 79 31.30 15.17 2.11
CA THR E 79 31.08 16.42 1.39
C THR E 79 30.52 16.09 0.00
N LEU E 80 29.82 17.07 -0.57
CA LEU E 80 29.26 17.00 -1.93
C LEU E 80 29.79 18.16 -2.77
N TYR E 81 30.63 17.84 -3.75
CA TYR E 81 31.28 18.84 -4.59
C TYR E 81 30.63 18.90 -5.97
N LEU E 82 30.35 20.11 -6.43
CA LEU E 82 29.81 20.38 -7.76
C LEU E 82 30.87 21.12 -8.56
N GLN E 83 31.20 20.60 -9.74
CA GLN E 83 32.26 21.17 -10.58
C GLN E 83 31.56 21.82 -11.76
N MET E 84 31.70 23.14 -11.88
CA MET E 84 31.23 23.92 -13.00
C MET E 84 32.37 24.31 -13.94
N ASN E 85 32.04 24.40 -15.23
CA ASN E 85 32.90 24.95 -16.27
C ASN E 85 32.02 25.46 -17.41
N SER E 86 32.61 26.31 -18.27
CA SER E 86 31.95 26.88 -19.46
C SER E 86 30.69 27.67 -19.08
N LEU E 87 30.86 28.57 -18.11
CA LEU E 87 29.77 29.35 -17.53
C LEU E 87 29.01 30.18 -18.58
N LYS E 88 27.69 30.19 -18.43
CA LYS E 88 26.79 30.90 -19.33
C LYS E 88 26.13 32.04 -18.57
N PRO E 89 26.05 33.26 -19.15
CA PRO E 89 25.43 34.38 -18.43
C PRO E 89 23.96 34.20 -18.12
N GLU E 90 23.22 33.49 -19.00
CA GLU E 90 21.81 33.21 -18.79
C GLU E 90 21.52 32.34 -17.57
N ASP E 91 22.55 31.75 -16.95
CA ASP E 91 22.41 30.92 -15.75
C ASP E 91 23.18 31.59 -14.62
N THR E 92 22.53 32.53 -13.95
CA THR E 92 23.03 33.17 -12.74
C THR E 92 21.98 33.05 -11.64
N ALA E 93 22.31 32.36 -10.57
CA ALA E 93 21.26 31.94 -9.65
C ALA E 93 21.79 31.73 -8.24
N VAL E 94 20.88 31.76 -7.26
CA VAL E 94 21.20 31.10 -6.01
C VAL E 94 21.32 29.60 -6.28
N TYR E 95 22.12 28.90 -5.47
CA TYR E 95 22.29 27.46 -5.54
C TYR E 95 22.07 26.86 -4.15
N TYR E 96 21.52 25.64 -4.13
CA TYR E 96 21.05 25.03 -2.91
C TYR E 96 21.35 23.55 -2.95
N CYS E 97 21.95 23.05 -1.87
CA CYS E 97 22.15 21.63 -1.68
C CYS E 97 20.95 21.09 -0.91
N ALA E 98 20.47 19.93 -1.30
CA ALA E 98 19.25 19.39 -0.74
C ALA E 98 19.48 17.92 -0.42
N ARG E 99 18.62 17.39 0.45
CA ARG E 99 18.53 15.97 0.71
C ARG E 99 17.10 15.49 0.57
N CYS E 100 16.94 14.32 -0.04
CA CYS E 100 15.66 13.67 -0.10
C CYS E 100 15.31 13.10 1.28
N PRO E 101 14.06 13.25 1.75
CA PRO E 101 13.76 13.04 3.17
C PRO E 101 13.84 11.61 3.66
N ALA E 102 13.72 10.61 2.80
CA ALA E 102 13.66 9.25 3.33
C ALA E 102 14.93 8.47 2.97
N PRO E 103 15.36 7.56 3.83
CA PRO E 103 16.52 6.71 3.49
C PRO E 103 16.12 5.50 2.67
N PHE E 104 17.10 5.00 1.90
CA PHE E 104 17.02 3.77 1.11
C PHE E 104 15.85 3.79 0.12
N THR E 105 15.65 4.94 -0.53
CA THR E 105 14.56 5.10 -1.48
C THR E 105 15.06 5.89 -2.68
N ARG E 106 14.28 5.81 -3.77
CA ARG E 106 14.64 6.44 -5.02
C ARG E 106 13.80 7.67 -5.36
N ASP E 107 12.78 7.98 -4.57
CA ASP E 107 11.89 9.11 -4.86
C ASP E 107 12.26 10.32 -4.01
N CYS E 108 11.96 11.51 -4.55
CA CYS E 108 12.31 12.77 -3.91
C CYS E 108 11.20 13.77 -4.17
N PHE E 109 10.90 14.61 -3.16
CA PHE E 109 9.82 15.59 -3.22
C PHE E 109 10.29 16.93 -2.67
N ASP E 110 11.41 17.43 -3.19
CA ASP E 110 12.08 18.60 -2.62
C ASP E 110 12.08 19.80 -3.57
N VAL E 111 10.95 20.04 -4.23
CA VAL E 111 10.81 21.16 -5.15
C VAL E 111 10.01 22.30 -4.52
N THR E 112 9.37 22.05 -3.37
CA THR E 112 8.56 23.05 -2.68
C THR E 112 9.40 24.24 -2.22
N SER E 113 8.94 25.45 -2.56
CA SER E 113 9.61 26.68 -2.18
C SER E 113 9.04 27.31 -0.91
N THR E 114 7.91 26.81 -0.39
CA THR E 114 7.32 27.33 0.83
C THR E 114 7.99 26.64 2.03
N THR E 115 9.25 27.05 2.28
CA THR E 115 10.05 26.70 3.46
C THR E 115 10.24 25.19 3.59
N TYR E 116 10.79 24.60 2.53
CA TYR E 116 11.30 23.23 2.64
C TYR E 116 12.48 23.21 3.61
N ALA E 117 12.47 22.24 4.52
CA ALA E 117 13.32 22.29 5.70
C ALA E 117 14.48 21.31 5.67
N TYR E 118 14.73 20.65 4.54
CA TYR E 118 15.89 19.77 4.42
C TYR E 118 16.88 20.29 3.39
N ARG E 119 16.92 21.60 3.20
CA ARG E 119 17.89 22.26 2.33
C ARG E 119 18.78 23.19 3.16
N GLY E 120 19.92 23.53 2.59
CA GLY E 120 20.79 24.52 3.19
C GLY E 120 20.31 25.94 2.94
N GLN E 121 21.09 26.89 3.45
CA GLN E 121 20.78 28.30 3.22
C GLN E 121 21.13 28.72 1.80
N GLY E 122 22.08 28.06 1.16
CA GLY E 122 22.38 28.29 -0.23
C GLY E 122 23.38 29.42 -0.44
N THR E 123 23.98 29.41 -1.63
CA THR E 123 25.03 30.35 -1.98
C THR E 123 24.67 31.11 -3.26
N GLN E 124 24.91 32.41 -3.26
CA GLN E 124 24.69 33.25 -4.43
C GLN E 124 25.80 33.05 -5.45
N VAL E 125 25.44 32.76 -6.70
CA VAL E 125 26.43 32.58 -7.75
C VAL E 125 26.03 33.44 -8.93
N THR E 126 26.87 34.43 -9.25
CA THR E 126 26.53 35.49 -10.19
C THR E 126 27.52 35.40 -11.33
N VAL E 127 27.03 35.42 -12.57
CA VAL E 127 27.89 35.57 -13.74
C VAL E 127 27.71 36.98 -14.30
N SER E 128 28.81 37.73 -14.38
CA SER E 128 28.85 39.03 -15.04
C SER E 128 29.68 38.91 -16.31
N SER E 129 29.06 39.21 -17.45
CA SER E 129 29.78 39.22 -18.71
C SER E 129 30.58 40.51 -18.87
#